data_3ZNP
#
_entry.id   3ZNP
#
_cell.length_a   84.069
_cell.length_b   84.069
_cell.length_c   189.163
_cell.angle_alpha   90.00
_cell.angle_beta   90.00
_cell.angle_gamma   120.00
#
_symmetry.space_group_name_H-M   'P 32 2 1'
#
loop_
_entity.id
_entity.type
_entity.pdbx_description
1 polymer 'D-AMINO-ACID OXIDASE'
2 non-polymer 'FLAVIN-ADENINE DINUCLEOTIDE'
3 non-polymer 3-HYDROXY-2H-CHROMEN-2-ONE
4 non-polymer GLYCEROL
5 water water
#
_entity_poly.entity_id   1
_entity_poly.type   'polypeptide(L)'
_entity_poly.pdbx_seq_one_letter_code
;MRVVVIGAGVIGLSTALCIHERYHSVLQPLDIKVYADRFTPLTTTDVAAGLWQPYLSDPNNPQEADWSQQTFDYLLSHVH
SPNAENLGLFLISGYNLFHEAIPDPSWKDTVLGFRKLTPRELDMFPDYGYGWFHTSLILEGKNYLQWLTERLTERGVKFF
QRKVESFEEVAREGADVIVNCTGVWAGALQRDPLLQPGRGQIMKVDAPWMKHFILTHDPERGIYNSPYIIPGTQTVTLGG
IFQLGNWSELNNIQDHNTIWEGCCRLEPTLKNARIIGERTGFRPVRPQIRLEREQLRTGPSNTEVIHNYGHGGYGLTIHW
GCALEAAKLFGRILEEKKLSRMPPSHL
;
_entity_poly.pdbx_strand_id   A,B
#
# COMPACT_ATOMS: atom_id res chain seq x y z
N MET A 1 13.40 -28.49 -13.88
CA MET A 1 12.64 -28.47 -12.63
C MET A 1 12.31 -27.04 -12.20
N ARG A 2 11.63 -26.28 -13.09
CA ARG A 2 11.25 -24.88 -12.83
C ARG A 2 9.89 -24.72 -12.17
N VAL A 3 9.85 -23.94 -11.07
CA VAL A 3 8.65 -23.73 -10.27
C VAL A 3 8.30 -22.23 -10.17
N VAL A 4 7.08 -21.86 -10.52
CA VAL A 4 6.62 -20.47 -10.42
C VAL A 4 5.49 -20.38 -9.43
N VAL A 5 5.67 -19.54 -8.39
CA VAL A 5 4.66 -19.28 -7.36
C VAL A 5 4.04 -17.92 -7.72
N ILE A 6 2.70 -17.89 -7.93
CA ILE A 6 1.97 -16.66 -8.23
C ILE A 6 1.37 -16.14 -6.91
N GLY A 7 1.92 -15.04 -6.41
CA GLY A 7 1.42 -14.40 -5.18
C GLY A 7 2.47 -14.23 -4.09
N ALA A 8 2.55 -13.03 -3.51
CA ALA A 8 3.51 -12.76 -2.45
C ALA A 8 2.91 -12.36 -1.11
N GLY A 9 1.74 -12.93 -0.84
CA GLY A 9 1.03 -12.79 0.42
C GLY A 9 1.52 -13.92 1.30
N VAL A 10 0.88 -14.11 2.46
CA VAL A 10 1.33 -15.15 3.39
C VAL A 10 1.26 -16.53 2.71
N ILE A 11 0.29 -16.75 1.79
CA ILE A 11 0.11 -18.06 1.14
C ILE A 11 1.21 -18.43 0.21
N GLY A 12 1.50 -17.53 -0.71
CA GLY A 12 2.57 -17.71 -1.68
C GLY A 12 3.94 -17.80 -1.07
N LEU A 13 4.25 -16.90 -0.14
CA LEU A 13 5.58 -16.91 0.48
C LEU A 13 5.82 -18.13 1.38
N SER A 14 4.82 -18.50 2.19
CA SER A 14 4.99 -19.66 3.07
C SER A 14 5.09 -20.98 2.31
N THR A 15 4.40 -21.08 1.15
CA THR A 15 4.42 -22.25 0.27
C THR A 15 5.79 -22.34 -0.40
N ALA A 16 6.29 -21.22 -0.95
CA ALA A 16 7.60 -21.18 -1.60
C ALA A 16 8.70 -21.63 -0.64
N LEU A 17 8.63 -21.17 0.63
CA LEU A 17 9.57 -21.54 1.70
C LEU A 17 9.47 -23.01 2.05
N CYS A 18 8.26 -23.53 2.22
CA CYS A 18 8.00 -24.94 2.50
C CYS A 18 8.52 -25.89 1.39
N ILE A 19 8.24 -25.57 0.11
CA ILE A 19 8.71 -26.37 -1.03
C ILE A 19 10.25 -26.37 -1.04
N HIS A 20 10.86 -25.18 -0.90
CA HIS A 20 12.31 -25.05 -0.85
C HIS A 20 12.90 -25.88 0.30
N GLU A 21 12.44 -25.69 1.54
CA GLU A 21 13.02 -26.45 2.67
C GLU A 21 12.85 -27.97 2.58
N ARG A 22 11.84 -28.47 1.85
CA ARG A 22 11.58 -29.91 1.68
C ARG A 22 12.22 -30.52 0.42
N TYR A 23 12.42 -29.71 -0.64
CA TYR A 23 12.93 -30.21 -1.92
C TYR A 23 14.19 -29.53 -2.51
N HIS A 24 14.87 -28.65 -1.75
CA HIS A 24 16.10 -28.01 -2.24
C HIS A 24 17.26 -29.00 -2.40
N SER A 25 17.34 -30.04 -1.54
CA SER A 25 18.38 -31.08 -1.59
C SER A 25 17.95 -32.20 -2.55
N VAL A 26 16.72 -32.76 -2.34
CA VAL A 26 16.06 -33.81 -3.11
C VAL A 26 16.27 -33.58 -4.62
N LEU A 27 16.02 -32.33 -5.07
CA LEU A 27 16.23 -31.88 -6.45
C LEU A 27 17.33 -30.82 -6.44
N GLN A 28 18.50 -31.16 -7.02
CA GLN A 28 19.67 -30.27 -7.09
C GLN A 28 19.43 -28.96 -7.88
N PRO A 29 18.95 -28.95 -9.16
CA PRO A 29 18.66 -27.67 -9.82
C PRO A 29 17.21 -27.20 -9.60
N LEU A 30 16.80 -27.02 -8.32
CA LEU A 30 15.43 -26.57 -8.03
C LEU A 30 15.26 -25.05 -8.14
N ASP A 31 14.65 -24.61 -9.27
CA ASP A 31 14.41 -23.20 -9.59
C ASP A 31 13.04 -22.76 -9.12
N ILE A 32 13.02 -21.72 -8.28
CA ILE A 32 11.81 -21.14 -7.67
C ILE A 32 11.77 -19.66 -7.97
N LYS A 33 10.69 -19.22 -8.62
CA LYS A 33 10.46 -17.82 -8.92
C LYS A 33 9.15 -17.39 -8.26
N VAL A 34 9.08 -16.16 -7.71
CA VAL A 34 7.84 -15.63 -7.12
C VAL A 34 7.35 -14.51 -8.03
N TYR A 35 6.15 -14.69 -8.60
CA TYR A 35 5.47 -13.74 -9.49
C TYR A 35 4.32 -13.11 -8.69
N ALA A 36 4.35 -11.79 -8.50
CA ALA A 36 3.28 -11.10 -7.78
C ALA A 36 3.12 -9.66 -8.26
N ASP A 37 1.86 -9.20 -8.29
CA ASP A 37 1.48 -7.86 -8.68
C ASP A 37 1.76 -6.88 -7.53
N ARG A 38 1.39 -7.29 -6.33
CA ARG A 38 1.59 -6.52 -5.10
CA ARG A 38 1.58 -6.53 -5.09
C ARG A 38 2.42 -7.35 -4.11
N PHE A 39 3.47 -6.73 -3.57
CA PHE A 39 4.37 -7.34 -2.64
C PHE A 39 3.87 -7.06 -1.24
N THR A 40 4.77 -7.31 -0.27
CA THR A 40 4.94 -7.08 1.18
C THR A 40 4.36 -5.85 1.91
N PRO A 41 4.40 -4.55 1.49
CA PRO A 41 3.67 -3.53 2.28
C PRO A 41 2.16 -3.40 1.86
N LEU A 42 1.80 -3.84 0.62
CA LEU A 42 0.47 -3.65 0.01
C LEU A 42 -0.48 -4.86 -0.29
N THR A 43 -0.23 -6.03 0.30
CA THR A 43 -1.09 -7.22 0.09
C THR A 43 -2.24 -7.20 1.12
N THR A 44 -3.19 -8.18 1.02
CA THR A 44 -4.28 -8.37 1.97
C THR A 44 -3.63 -8.77 3.32
N THR A 45 -2.50 -9.52 3.27
CA THR A 45 -1.78 -10.02 4.43
C THR A 45 -1.30 -8.89 5.34
N ASP A 46 -0.95 -7.73 4.75
CA ASP A 46 -0.50 -6.53 5.46
C ASP A 46 -1.59 -5.82 6.23
N VAL A 47 -2.87 -6.06 5.86
CA VAL A 47 -4.09 -5.43 6.40
C VAL A 47 -4.61 -6.25 7.62
N ALA A 48 -4.19 -7.52 7.72
CA ALA A 48 -4.62 -8.42 8.79
C ALA A 48 -3.91 -8.09 10.10
N ALA A 49 -4.65 -8.16 11.22
CA ALA A 49 -4.05 -7.94 12.53
C ALA A 49 -3.11 -9.11 12.83
N GLY A 50 -3.50 -10.31 12.45
CA GLY A 50 -2.69 -11.50 12.59
C GLY A 50 -2.98 -12.35 13.80
N LEU A 51 -4.17 -12.19 14.39
CA LEU A 51 -4.54 -13.01 15.53
C LEU A 51 -4.82 -14.45 15.11
N TRP A 52 -4.29 -15.39 15.86
CA TRP A 52 -4.59 -16.78 15.56
C TRP A 52 -5.95 -17.06 16.15
N GLN A 53 -6.93 -17.21 15.27
CA GLN A 53 -8.29 -17.59 15.60
C GLN A 53 -9.10 -18.17 14.42
N PRO A 54 -9.35 -19.50 14.44
CA PRO A 54 -10.18 -20.09 13.39
C PRO A 54 -11.65 -19.73 13.63
N TYR A 55 -12.56 -20.08 12.70
CA TYR A 55 -13.98 -19.79 12.88
C TYR A 55 -14.53 -20.63 14.07
N LEU A 56 -15.62 -20.17 14.71
CA LEU A 56 -16.15 -20.86 15.90
C LEU A 56 -16.73 -22.24 15.58
N SER A 57 -17.17 -22.40 14.31
CA SER A 57 -17.77 -23.59 13.71
C SER A 57 -16.68 -24.60 13.29
N ASP A 58 -17.07 -25.88 13.22
CA ASP A 58 -16.20 -26.97 12.74
C ASP A 58 -16.03 -26.79 11.21
N PRO A 59 -14.76 -26.78 10.69
CA PRO A 59 -14.57 -26.57 9.24
C PRO A 59 -15.32 -27.56 8.36
N ASN A 60 -15.64 -27.15 7.12
CA ASN A 60 -16.33 -28.00 6.15
C ASN A 60 -15.38 -29.14 5.76
N ASN A 61 -14.08 -28.82 5.71
CA ASN A 61 -13.01 -29.77 5.43
C ASN A 61 -12.32 -30.07 6.78
N PRO A 62 -12.58 -31.25 7.39
CA PRO A 62 -11.96 -31.57 8.70
C PRO A 62 -10.43 -31.46 8.77
N GLN A 63 -9.75 -31.37 7.60
CA GLN A 63 -8.29 -31.21 7.52
C GLN A 63 -7.92 -29.79 7.94
N GLU A 64 -8.79 -28.80 7.69
CA GLU A 64 -8.52 -27.38 8.02
C GLU A 64 -8.23 -27.17 9.51
N ALA A 65 -8.95 -27.90 10.39
CA ALA A 65 -8.78 -27.87 11.85
C ALA A 65 -7.38 -28.35 12.24
N ASP A 66 -6.88 -29.40 11.55
CA ASP A 66 -5.54 -29.94 11.75
C ASP A 66 -4.49 -28.95 11.19
N TRP A 67 -4.80 -28.25 10.07
CA TRP A 67 -3.94 -27.23 9.44
C TRP A 67 -3.71 -26.03 10.33
N SER A 68 -4.76 -25.54 11.02
CA SER A 68 -4.73 -24.44 11.99
C SER A 68 -3.87 -24.80 13.22
N GLN A 69 -4.12 -26.00 13.78
CA GLN A 69 -3.45 -26.58 14.94
C GLN A 69 -1.93 -26.71 14.69
N GLN A 70 -1.54 -27.13 13.48
CA GLN A 70 -0.15 -27.27 13.02
C GLN A 70 0.59 -25.93 12.96
N THR A 71 -0.12 -24.88 12.54
CA THR A 71 0.37 -23.50 12.49
C THR A 71 0.55 -22.97 13.90
N PHE A 72 -0.43 -23.16 14.81
CA PHE A 72 -0.32 -22.69 16.21
C PHE A 72 0.88 -23.34 16.86
N ASP A 73 1.02 -24.68 16.68
CA ASP A 73 2.14 -25.45 17.26
C ASP A 73 3.49 -25.03 16.71
N TYR A 74 3.57 -24.79 15.40
CA TYR A 74 4.77 -24.25 14.77
C TYR A 74 5.12 -22.85 15.35
N LEU A 75 4.13 -21.93 15.38
CA LEU A 75 4.32 -20.56 15.87
C LEU A 75 4.63 -20.48 17.35
N LEU A 76 3.88 -21.22 18.21
CA LEU A 76 4.12 -21.28 19.66
C LEU A 76 5.54 -21.76 20.00
N SER A 77 6.10 -22.72 19.22
CA SER A 77 7.46 -23.25 19.42
C SER A 77 8.55 -22.23 19.10
N HIS A 78 8.19 -21.13 18.42
CA HIS A 78 9.14 -20.09 18.05
CA HIS A 78 9.07 -20.06 17.94
C HIS A 78 8.87 -18.77 18.76
N VAL A 79 7.74 -18.67 19.50
CA VAL A 79 7.35 -17.46 20.24
C VAL A 79 8.39 -16.85 21.18
N HIS A 80 9.21 -17.70 21.79
CA HIS A 80 10.24 -17.30 22.75
C HIS A 80 11.66 -17.23 22.19
N SER A 81 11.88 -17.51 20.91
CA SER A 81 13.24 -17.41 20.37
C SER A 81 13.62 -15.92 20.24
N PRO A 82 14.91 -15.51 20.42
CA PRO A 82 15.24 -14.06 20.28
C PRO A 82 14.93 -13.46 18.89
N ASN A 83 14.47 -14.30 17.98
CA ASN A 83 14.06 -13.92 16.63
C ASN A 83 12.57 -13.58 16.47
N ALA A 84 11.75 -14.14 17.33
CA ALA A 84 10.28 -14.05 17.27
C ALA A 84 9.74 -12.69 16.85
N GLU A 85 10.45 -11.61 17.19
CA GLU A 85 10.04 -10.27 16.83
C GLU A 85 10.30 -9.82 15.42
N ASN A 86 11.23 -10.49 14.73
CA ASN A 86 11.52 -10.28 13.31
C ASN A 86 10.34 -10.83 12.50
N LEU A 87 9.71 -11.88 13.03
CA LEU A 87 8.53 -12.53 12.48
C LEU A 87 7.24 -11.76 12.77
N GLY A 88 7.27 -10.88 13.74
CA GLY A 88 6.10 -10.14 14.21
C GLY A 88 5.22 -11.00 15.09
N LEU A 89 5.83 -12.02 15.76
CA LEU A 89 5.20 -13.04 16.60
C LEU A 89 5.21 -12.72 18.09
N PHE A 90 4.04 -12.72 18.74
CA PHE A 90 3.92 -12.53 20.20
C PHE A 90 2.66 -13.13 20.76
N LEU A 91 2.70 -13.51 22.06
CA LEU A 91 1.59 -14.07 22.81
C LEU A 91 0.68 -12.95 23.21
N ILE A 92 -0.62 -13.21 23.22
CA ILE A 92 -1.63 -12.23 23.61
C ILE A 92 -2.86 -13.00 24.13
N SER A 93 -3.50 -12.46 25.15
CA SER A 93 -4.71 -12.93 25.80
C SER A 93 -5.87 -12.02 25.52
N GLY A 94 -7.07 -12.53 25.66
CA GLY A 94 -8.25 -11.72 25.43
C GLY A 94 -9.56 -12.45 25.48
N TYR A 95 -10.59 -11.69 25.13
CA TYR A 95 -11.98 -11.97 25.23
C TYR A 95 -12.66 -12.20 23.92
N ASN A 96 -13.57 -13.19 23.91
CA ASN A 96 -14.54 -13.52 22.87
C ASN A 96 -15.86 -13.43 23.62
N LEU A 97 -16.69 -12.45 23.25
CA LEU A 97 -17.94 -12.11 23.93
C LEU A 97 -19.13 -12.46 23.07
N PHE A 98 -20.15 -13.10 23.69
CA PHE A 98 -21.35 -13.60 23.05
C PHE A 98 -22.62 -13.07 23.70
N HIS A 99 -23.76 -13.16 22.98
CA HIS A 99 -25.08 -12.74 23.47
C HIS A 99 -25.76 -13.89 24.16
N GLU A 100 -25.28 -15.12 23.92
CA GLU A 100 -25.74 -16.34 24.59
C GLU A 100 -24.74 -17.49 24.62
N ALA A 101 -25.01 -18.46 25.51
CA ALA A 101 -24.22 -19.65 25.79
C ALA A 101 -24.13 -20.62 24.62
N ILE A 102 -23.12 -20.42 23.77
CA ILE A 102 -22.79 -21.24 22.58
C ILE A 102 -21.78 -22.34 22.96
N PRO A 103 -21.59 -23.44 22.18
CA PRO A 103 -20.60 -24.46 22.59
C PRO A 103 -19.15 -23.99 22.52
N ASP A 104 -18.26 -24.70 23.26
CA ASP A 104 -16.82 -24.44 23.26
C ASP A 104 -16.22 -24.65 21.86
N PRO A 105 -15.13 -23.95 21.46
CA PRO A 105 -14.63 -24.16 20.12
C PRO A 105 -13.89 -25.49 20.00
N SER A 106 -13.62 -25.91 18.75
CA SER A 106 -12.90 -27.15 18.43
C SER A 106 -11.44 -26.99 18.89
N TRP A 107 -10.95 -25.75 18.82
CA TRP A 107 -9.59 -25.33 19.15
C TRP A 107 -9.39 -24.98 20.61
N LYS A 108 -10.33 -25.35 21.52
CA LYS A 108 -10.25 -25.01 22.94
C LYS A 108 -8.98 -25.47 23.62
N ASP A 109 -8.41 -26.62 23.19
CA ASP A 109 -7.20 -27.22 23.73
C ASP A 109 -5.94 -26.84 22.97
N THR A 110 -6.09 -26.25 21.77
CA THR A 110 -4.97 -25.77 20.95
C THR A 110 -4.44 -24.51 21.64
N VAL A 111 -5.33 -23.59 22.02
CA VAL A 111 -4.97 -22.33 22.72
C VAL A 111 -4.54 -22.59 24.18
N LEU A 112 -3.97 -21.56 24.84
CA LEU A 112 -3.47 -21.64 26.20
C LEU A 112 -4.52 -21.13 27.16
N GLY A 113 -4.67 -21.82 28.27
CA GLY A 113 -5.54 -21.43 29.36
C GLY A 113 -6.96 -21.01 29.03
N PHE A 114 -7.54 -21.62 28.01
CA PHE A 114 -8.91 -21.39 27.61
C PHE A 114 -9.85 -21.65 28.80
N ARG A 115 -10.83 -20.77 29.01
CA ARG A 115 -11.81 -20.89 30.07
C ARG A 115 -13.01 -20.01 29.74
N LYS A 116 -14.08 -20.20 30.50
N LYS A 116 -14.08 -20.20 30.50
CA LYS A 116 -15.31 -19.44 30.40
CA LYS A 116 -15.31 -19.44 30.42
C LYS A 116 -15.09 -18.17 31.24
C LYS A 116 -15.09 -18.17 31.25
N LEU A 117 -15.62 -17.01 30.77
CA LEU A 117 -15.55 -15.75 31.50
C LEU A 117 -16.43 -15.87 32.76
N THR A 118 -16.03 -15.21 33.85
CA THR A 118 -16.71 -15.19 35.14
C THR A 118 -17.75 -14.03 35.13
N PRO A 119 -18.73 -13.95 36.07
CA PRO A 119 -19.66 -12.79 36.05
C PRO A 119 -18.99 -11.42 36.27
N ARG A 120 -17.92 -11.33 37.11
CA ARG A 120 -17.17 -10.08 37.31
C ARG A 120 -16.48 -9.56 36.05
N GLU A 121 -16.03 -10.46 35.14
CA GLU A 121 -15.41 -10.10 33.84
C GLU A 121 -16.47 -9.65 32.87
N LEU A 122 -17.62 -10.34 32.82
CA LEU A 122 -18.72 -10.03 31.92
C LEU A 122 -19.32 -8.68 32.28
N ASP A 123 -19.27 -8.31 33.57
CA ASP A 123 -19.71 -7.00 34.05
C ASP A 123 -18.98 -5.81 33.40
N MET A 124 -17.74 -6.03 32.91
CA MET A 124 -16.93 -5.01 32.25
C MET A 124 -17.38 -4.61 30.85
N PHE A 125 -18.20 -5.48 30.18
CA PHE A 125 -18.75 -5.30 28.82
C PHE A 125 -20.30 -5.37 28.88
N PRO A 126 -20.95 -4.21 29.15
CA PRO A 126 -22.41 -4.19 29.34
C PRO A 126 -23.37 -4.81 28.33
N ASP A 127 -22.98 -5.12 27.09
CA ASP A 127 -23.98 -5.72 26.17
C ASP A 127 -23.81 -7.24 25.93
N TYR A 128 -22.91 -7.90 26.68
CA TYR A 128 -22.60 -9.31 26.48
C TYR A 128 -22.74 -10.11 27.76
N GLY A 129 -23.31 -11.29 27.68
CA GLY A 129 -23.56 -12.13 28.84
C GLY A 129 -22.91 -13.49 28.85
N TYR A 130 -22.08 -13.74 27.85
CA TYR A 130 -21.35 -14.99 27.77
C TYR A 130 -20.05 -14.72 27.11
N GLY A 131 -19.07 -15.57 27.40
CA GLY A 131 -17.77 -15.42 26.77
C GLY A 131 -16.68 -16.37 27.20
N TRP A 132 -15.54 -16.23 26.50
CA TRP A 132 -14.31 -16.97 26.74
C TRP A 132 -13.18 -16.01 26.98
N PHE A 133 -12.14 -16.52 27.62
CA PHE A 133 -10.86 -15.86 27.84
C PHE A 133 -9.85 -16.94 27.54
N HIS A 134 -8.82 -16.60 26.81
CA HIS A 134 -7.72 -17.51 26.45
C HIS A 134 -6.56 -16.70 25.99
N THR A 135 -5.43 -17.39 25.80
CA THR A 135 -4.18 -16.80 25.34
C THR A 135 -3.90 -17.41 24.00
N SER A 136 -3.75 -16.54 23.01
CA SER A 136 -3.43 -16.92 21.66
C SER A 136 -2.13 -16.23 21.23
N LEU A 137 -1.93 -16.11 19.91
CA LEU A 137 -0.74 -15.52 19.29
CA LEU A 137 -0.77 -15.42 19.38
C LEU A 137 -1.11 -14.55 18.19
N ILE A 138 -0.34 -13.49 18.02
CA ILE A 138 -0.47 -12.55 16.93
C ILE A 138 0.81 -12.72 16.12
N LEU A 139 0.65 -12.88 14.81
CA LEU A 139 1.73 -12.99 13.86
C LEU A 139 1.42 -11.86 12.87
N GLU A 140 2.08 -10.71 13.01
CA GLU A 140 1.85 -9.55 12.14
C GLU A 140 2.33 -9.78 10.70
N GLY A 141 1.38 -9.68 9.77
CA GLY A 141 1.56 -9.87 8.32
C GLY A 141 2.72 -9.10 7.75
N LYS A 142 2.79 -7.80 8.08
CA LYS A 142 3.86 -6.91 7.63
C LYS A 142 5.24 -7.47 7.94
N ASN A 143 5.50 -7.80 9.21
CA ASN A 143 6.80 -8.33 9.65
C ASN A 143 7.04 -9.75 9.16
N TYR A 144 6.03 -10.61 9.27
CA TYR A 144 6.13 -11.99 8.78
C TYR A 144 6.49 -12.07 7.26
N LEU A 145 5.87 -11.21 6.44
CA LEU A 145 6.15 -11.10 5.01
C LEU A 145 7.59 -10.68 4.75
N GLN A 146 8.11 -9.71 5.53
CA GLN A 146 9.50 -9.26 5.42
C GLN A 146 10.45 -10.38 5.78
N TRP A 147 10.07 -11.19 6.78
CA TRP A 147 10.86 -12.32 7.27
C TRP A 147 10.95 -13.42 6.22
N LEU A 148 9.79 -13.89 5.71
CA LEU A 148 9.71 -14.90 4.65
C LEU A 148 10.50 -14.46 3.40
N THR A 149 10.46 -13.15 3.06
CA THR A 149 11.20 -12.57 1.94
C THR A 149 12.71 -12.75 2.13
N GLU A 150 13.23 -12.38 3.32
CA GLU A 150 14.65 -12.51 3.66
C GLU A 150 15.07 -13.98 3.59
N ARG A 151 14.28 -14.89 4.20
CA ARG A 151 14.53 -16.34 4.16
C ARG A 151 14.58 -16.86 2.72
N LEU A 152 13.69 -16.36 1.83
CA LEU A 152 13.64 -16.73 0.42
C LEU A 152 14.83 -16.15 -0.38
N THR A 153 15.27 -14.92 -0.03
CA THR A 153 16.37 -14.22 -0.69
C THR A 153 17.69 -14.94 -0.42
N GLU A 154 17.90 -15.38 0.83
CA GLU A 154 19.10 -16.11 1.20
C GLU A 154 19.13 -17.53 0.64
N ARG A 155 17.96 -18.09 0.33
CA ARG A 155 17.79 -19.41 -0.28
C ARG A 155 17.77 -19.35 -1.84
N GLY A 156 18.04 -18.18 -2.42
CA GLY A 156 18.12 -17.99 -3.87
C GLY A 156 16.81 -17.87 -4.63
N VAL A 157 15.68 -17.63 -3.92
CA VAL A 157 14.39 -17.48 -4.58
C VAL A 157 14.35 -16.07 -5.16
N LYS A 158 14.07 -15.99 -6.48
CA LYS A 158 14.02 -14.78 -7.28
C LYS A 158 12.58 -14.30 -7.35
N PHE A 159 12.37 -13.01 -7.02
CA PHE A 159 11.06 -12.36 -6.98
C PHE A 159 10.83 -11.49 -8.22
N PHE A 160 9.61 -11.54 -8.78
CA PHE A 160 9.29 -10.75 -9.97
C PHE A 160 7.97 -10.01 -9.83
N GLN A 161 8.00 -8.70 -10.13
CA GLN A 161 6.81 -7.87 -10.09
C GLN A 161 6.11 -7.82 -11.42
N ARG A 162 4.99 -8.54 -11.49
CA ARG A 162 4.15 -8.63 -12.69
C ARG A 162 2.74 -9.12 -12.41
N LYS A 163 1.79 -8.69 -13.25
CA LYS A 163 0.42 -9.18 -13.20
C LYS A 163 0.33 -10.27 -14.27
N VAL A 164 0.12 -11.51 -13.82
CA VAL A 164 -0.06 -12.71 -14.65
C VAL A 164 -1.51 -12.65 -15.19
N GLU A 165 -1.71 -12.81 -16.52
CA GLU A 165 -3.02 -12.77 -17.19
C GLU A 165 -3.74 -14.16 -17.27
N SER A 166 -2.95 -15.23 -17.47
CA SER A 166 -3.42 -16.62 -17.50
C SER A 166 -2.30 -17.54 -16.99
N PHE A 167 -2.63 -18.81 -16.70
CA PHE A 167 -1.65 -19.84 -16.29
C PHE A 167 -0.82 -20.27 -17.52
N GLU A 168 -1.41 -20.16 -18.71
CA GLU A 168 -0.81 -20.52 -20.01
C GLU A 168 0.41 -19.64 -20.30
N GLU A 169 0.30 -18.32 -20.01
CA GLU A 169 1.35 -17.30 -20.15
C GLU A 169 2.57 -17.74 -19.34
N VAL A 170 2.33 -18.21 -18.08
CA VAL A 170 3.34 -18.72 -17.15
C VAL A 170 3.90 -20.05 -17.69
N ALA A 171 3.05 -21.05 -18.03
CA ALA A 171 3.48 -22.32 -18.67
C ALA A 171 4.37 -22.14 -19.91
N ARG A 172 4.08 -21.09 -20.74
CA ARG A 172 4.81 -20.77 -21.97
CA ARG A 172 4.82 -20.76 -21.96
C ARG A 172 6.22 -20.30 -21.65
N GLU A 173 6.46 -19.69 -20.47
CA GLU A 173 7.77 -19.23 -20.04
C GLU A 173 8.67 -20.38 -19.58
N GLY A 174 8.10 -21.61 -19.54
CA GLY A 174 8.85 -22.81 -19.21
C GLY A 174 8.76 -23.32 -17.78
N ALA A 175 7.67 -22.97 -17.08
CA ALA A 175 7.41 -23.39 -15.71
C ALA A 175 6.67 -24.73 -15.73
N ASP A 176 7.31 -25.77 -15.16
CA ASP A 176 6.77 -27.13 -15.05
C ASP A 176 5.59 -27.15 -14.06
N VAL A 177 5.79 -26.65 -12.84
CA VAL A 177 4.76 -26.61 -11.79
C VAL A 177 4.44 -25.15 -11.47
N ILE A 178 3.13 -24.83 -11.44
CA ILE A 178 2.60 -23.50 -11.10
C ILE A 178 1.86 -23.50 -9.73
N VAL A 179 2.33 -22.71 -8.75
CA VAL A 179 1.65 -22.64 -7.45
C VAL A 179 0.80 -21.38 -7.38
N ASN A 180 -0.50 -21.56 -7.43
CA ASN A 180 -1.46 -20.47 -7.48
C ASN A 180 -1.95 -20.02 -6.11
N CYS A 181 -1.31 -18.95 -5.58
CA CYS A 181 -1.59 -18.35 -4.29
C CYS A 181 -2.02 -16.88 -4.49
N THR A 182 -3.02 -16.72 -5.36
CA THR A 182 -3.57 -15.43 -5.81
C THR A 182 -4.58 -14.75 -4.89
N GLY A 183 -5.03 -15.48 -3.88
CA GLY A 183 -5.94 -14.96 -2.88
C GLY A 183 -7.29 -14.67 -3.47
N VAL A 184 -7.82 -13.48 -3.16
CA VAL A 184 -9.13 -13.02 -3.60
C VAL A 184 -9.27 -12.85 -5.10
N TRP A 185 -8.13 -12.62 -5.80
CA TRP A 185 -8.04 -12.39 -7.24
C TRP A 185 -7.84 -13.65 -8.04
N ALA A 186 -7.98 -14.83 -7.41
CA ALA A 186 -7.79 -16.12 -8.10
C ALA A 186 -8.81 -16.42 -9.21
N GLY A 187 -9.96 -15.73 -9.19
CA GLY A 187 -11.02 -15.89 -10.17
C GLY A 187 -10.64 -15.41 -11.56
N ALA A 188 -9.84 -14.33 -11.61
CA ALA A 188 -9.30 -13.71 -12.82
C ALA A 188 -8.45 -14.65 -13.69
N LEU A 189 -7.83 -15.69 -13.10
CA LEU A 189 -7.01 -16.67 -13.82
C LEU A 189 -7.78 -17.92 -14.18
N GLN A 190 -8.78 -18.28 -13.34
CA GLN A 190 -9.68 -19.40 -13.53
C GLN A 190 -10.91 -19.08 -12.74
N ARG A 191 -12.05 -18.87 -13.45
CA ARG A 191 -13.32 -18.52 -12.83
CA ARG A 191 -13.31 -18.52 -12.82
C ARG A 191 -13.61 -19.51 -11.70
N ASP A 192 -13.93 -18.99 -10.53
CA ASP A 192 -14.25 -19.77 -9.37
C ASP A 192 -15.46 -19.07 -8.76
N PRO A 193 -16.66 -19.69 -8.85
CA PRO A 193 -17.86 -19.03 -8.34
C PRO A 193 -18.07 -19.20 -6.83
N LEU A 194 -17.14 -19.91 -6.18
CA LEU A 194 -17.17 -20.13 -4.73
C LEU A 194 -16.33 -19.10 -4.00
N LEU A 195 -15.43 -18.46 -4.73
CA LEU A 195 -14.52 -17.46 -4.16
C LEU A 195 -15.10 -16.06 -4.31
N GLN A 196 -15.16 -15.33 -3.19
CA GLN A 196 -15.72 -13.98 -3.16
C GLN A 196 -14.99 -13.06 -2.19
N PRO A 197 -15.00 -11.72 -2.42
CA PRO A 197 -14.34 -10.82 -1.49
C PRO A 197 -15.13 -10.64 -0.19
N GLY A 198 -14.43 -10.71 0.91
CA GLY A 198 -14.99 -10.48 2.23
C GLY A 198 -14.48 -9.12 2.65
N ARG A 199 -15.05 -8.06 2.10
CA ARG A 199 -14.61 -6.70 2.42
C ARG A 199 -14.59 -6.37 3.89
N GLY A 200 -13.42 -5.91 4.31
CA GLY A 200 -13.21 -5.43 5.66
C GLY A 200 -12.60 -4.06 5.61
N GLN A 201 -12.94 -3.23 6.59
CA GLN A 201 -12.41 -1.89 6.83
C GLN A 201 -11.93 -1.94 8.27
N ILE A 202 -10.75 -1.37 8.54
CA ILE A 202 -10.11 -1.33 9.86
C ILE A 202 -9.50 0.03 10.12
N MET A 203 -9.43 0.41 11.37
CA MET A 203 -8.75 1.60 11.87
C MET A 203 -7.55 1.11 12.68
N LYS A 204 -6.37 1.73 12.47
CA LYS A 204 -5.12 1.57 13.25
C LYS A 204 -5.13 2.83 14.15
N VAL A 205 -5.20 2.63 15.48
CA VAL A 205 -5.34 3.67 16.49
C VAL A 205 -4.19 3.58 17.50
N ASP A 206 -3.67 4.73 18.00
CA ASP A 206 -2.60 4.69 19.00
C ASP A 206 -3.24 4.56 20.39
N ALA A 207 -3.26 3.33 20.94
CA ALA A 207 -3.86 3.05 22.26
C ALA A 207 -2.99 1.96 22.89
N PRO A 208 -1.75 2.32 23.33
CA PRO A 208 -0.79 1.30 23.82
C PRO A 208 -1.08 0.73 25.20
N TRP A 209 -2.09 1.27 25.84
CA TRP A 209 -2.55 0.83 27.14
C TRP A 209 -3.51 -0.37 26.99
N MET A 210 -3.86 -0.76 25.74
CA MET A 210 -4.74 -1.89 25.45
C MET A 210 -3.88 -3.12 25.36
N LYS A 211 -4.00 -4.01 26.33
CA LYS A 211 -3.12 -5.20 26.34
C LYS A 211 -3.80 -6.49 25.93
N HIS A 212 -5.11 -6.44 25.66
CA HIS A 212 -5.90 -7.61 25.34
C HIS A 212 -6.66 -7.42 24.05
N PHE A 213 -6.92 -8.51 23.32
CA PHE A 213 -7.82 -8.45 22.18
C PHE A 213 -9.23 -8.61 22.75
N ILE A 214 -10.20 -8.04 22.06
CA ILE A 214 -11.62 -8.20 22.36
C ILE A 214 -12.30 -8.42 21.04
N LEU A 215 -12.91 -9.60 20.89
CA LEU A 215 -13.71 -9.96 19.71
C LEU A 215 -15.13 -10.20 20.20
N THR A 216 -16.12 -9.58 19.55
CA THR A 216 -17.55 -9.75 19.89
C THR A 216 -18.22 -10.62 18.82
N HIS A 217 -19.29 -11.34 19.19
CA HIS A 217 -19.99 -12.20 18.25
C HIS A 217 -21.51 -12.03 18.25
N ASP A 218 -22.07 -11.86 17.05
CA ASP A 218 -23.51 -11.78 16.87
C ASP A 218 -23.96 -12.66 15.71
N PRO A 219 -24.75 -13.74 15.95
CA PRO A 219 -25.22 -14.57 14.81
C PRO A 219 -26.10 -13.81 13.81
N GLU A 220 -26.86 -12.80 14.33
CA GLU A 220 -27.77 -11.88 13.63
C GLU A 220 -27.06 -11.18 12.47
N ARG A 221 -25.98 -10.42 12.74
CA ARG A 221 -25.21 -9.67 11.73
C ARG A 221 -24.06 -10.45 11.09
N GLY A 222 -23.75 -11.64 11.64
CA GLY A 222 -22.76 -12.58 11.12
C GLY A 222 -21.30 -12.36 11.50
N ILE A 223 -20.42 -13.23 10.93
CA ILE A 223 -18.97 -13.23 11.14
C ILE A 223 -18.10 -12.04 10.66
N TYR A 224 -17.40 -11.40 11.61
CA TYR A 224 -16.61 -10.16 11.47
C TYR A 224 -17.40 -8.87 11.21
N ASN A 225 -18.74 -8.89 11.34
CA ASN A 225 -19.60 -7.71 11.19
C ASN A 225 -20.06 -7.20 12.58
N SER A 226 -19.23 -7.48 13.61
CA SER A 226 -19.42 -7.17 15.02
C SER A 226 -18.10 -6.54 15.54
N PRO A 227 -18.09 -5.59 16.50
CA PRO A 227 -16.82 -4.94 16.88
C PRO A 227 -15.70 -5.82 17.40
N TYR A 228 -14.47 -5.45 17.08
CA TYR A 228 -13.26 -6.12 17.53
C TYR A 228 -12.12 -5.14 17.68
N ILE A 229 -11.28 -5.39 18.69
CA ILE A 229 -10.12 -4.58 19.09
C ILE A 229 -8.98 -5.56 19.19
N ILE A 230 -7.96 -5.34 18.36
CA ILE A 230 -6.79 -6.23 18.34
C ILE A 230 -5.50 -5.46 18.49
N PRO A 231 -4.87 -5.44 19.69
CA PRO A 231 -3.61 -4.70 19.85
C PRO A 231 -2.47 -5.38 19.09
N GLY A 232 -1.67 -4.58 18.41
CA GLY A 232 -0.46 -5.00 17.71
C GLY A 232 0.76 -4.48 18.45
N THR A 233 1.95 -4.64 17.88
CA THR A 233 3.20 -4.17 18.48
C THR A 233 3.22 -2.65 18.55
N GLN A 234 2.93 -1.99 17.45
CA GLN A 234 2.97 -0.55 17.44
C GLN A 234 1.60 0.16 17.55
N THR A 235 0.49 -0.50 17.16
CA THR A 235 -0.81 0.16 17.18
C THR A 235 -1.97 -0.76 17.53
N VAL A 236 -3.15 -0.22 17.73
CA VAL A 236 -4.33 -1.03 18.01
C VAL A 236 -5.29 -1.03 16.81
N THR A 237 -5.61 -2.25 16.29
CA THR A 237 -6.54 -2.47 15.17
C THR A 237 -7.92 -2.55 15.67
N LEU A 238 -8.75 -1.70 15.09
CA LEU A 238 -10.18 -1.54 15.34
C LEU A 238 -10.92 -2.01 14.10
N GLY A 239 -11.87 -2.91 14.28
CA GLY A 239 -12.60 -3.46 13.16
C GLY A 239 -14.00 -3.93 13.47
N GLY A 240 -14.59 -4.60 12.50
CA GLY A 240 -15.95 -5.11 12.64
C GLY A 240 -16.82 -4.91 11.41
N ILE A 241 -16.18 -4.92 10.22
CA ILE A 241 -16.81 -4.76 8.92
C ILE A 241 -16.59 -6.01 8.09
N PHE A 242 -17.70 -6.61 7.64
CA PHE A 242 -17.67 -7.79 6.79
C PHE A 242 -18.78 -7.76 5.76
N GLN A 243 -18.41 -7.43 4.52
CA GLN A 243 -19.31 -7.25 3.38
C GLN A 243 -18.95 -8.16 2.19
N LEU A 244 -19.60 -9.33 2.12
CA LEU A 244 -19.40 -10.31 1.07
C LEU A 244 -19.82 -9.80 -0.31
N GLY A 245 -18.92 -9.89 -1.29
CA GLY A 245 -19.22 -9.46 -2.67
C GLY A 245 -18.97 -8.00 -3.00
N ASN A 246 -18.50 -7.21 -2.01
CA ASN A 246 -18.15 -5.81 -2.19
C ASN A 246 -16.66 -5.67 -2.50
N TRP A 247 -16.35 -5.12 -3.67
CA TRP A 247 -15.01 -4.93 -4.22
C TRP A 247 -14.52 -3.47 -4.09
N SER A 248 -15.21 -2.62 -3.28
CA SER A 248 -14.82 -1.22 -3.05
C SER A 248 -13.54 -1.14 -2.18
N GLU A 249 -12.36 -1.00 -2.84
CA GLU A 249 -11.01 -0.84 -2.25
C GLU A 249 -10.84 0.66 -1.95
N LEU A 250 -11.72 1.15 -1.06
CA LEU A 250 -11.86 2.54 -0.66
C LEU A 250 -12.55 2.58 0.71
N ASN A 251 -12.06 3.40 1.63
CA ASN A 251 -12.69 3.50 2.95
C ASN A 251 -13.93 4.33 2.82
N ASN A 252 -14.93 4.06 3.66
CA ASN A 252 -16.16 4.84 3.66
C ASN A 252 -16.56 5.25 5.08
N ILE A 253 -17.10 6.45 5.22
CA ILE A 253 -17.52 7.03 6.49
C ILE A 253 -18.52 6.19 7.30
N GLN A 254 -19.48 5.51 6.62
CA GLN A 254 -20.49 4.68 7.30
C GLN A 254 -19.82 3.55 8.07
N ASP A 255 -18.92 2.83 7.41
CA ASP A 255 -18.12 1.76 7.98
C ASP A 255 -17.21 2.33 9.08
N HIS A 256 -16.54 3.50 8.84
CA HIS A 256 -15.70 4.23 9.83
C HIS A 256 -16.48 4.45 11.14
N ASN A 257 -17.64 5.09 11.05
CA ASN A 257 -18.53 5.43 12.16
C ASN A 257 -19.04 4.22 12.91
N THR A 258 -19.38 3.15 12.19
CA THR A 258 -19.82 1.85 12.70
C THR A 258 -18.70 1.24 13.58
N ILE A 259 -17.42 1.23 13.09
CA ILE A 259 -16.25 0.67 13.81
C ILE A 259 -15.97 1.53 15.06
N TRP A 260 -15.96 2.86 14.89
CA TRP A 260 -15.71 3.81 15.96
C TRP A 260 -16.73 3.69 17.09
N GLU A 261 -18.03 3.83 16.79
CA GLU A 261 -19.15 3.75 17.74
C GLU A 261 -19.15 2.42 18.46
N GLY A 262 -19.08 1.33 17.70
CA GLY A 262 -19.05 -0.02 18.23
C GLY A 262 -17.86 -0.34 19.11
N CYS A 263 -16.63 0.09 18.73
CA CYS A 263 -15.40 -0.15 19.53
C CYS A 263 -15.33 0.71 20.81
N CYS A 264 -15.75 1.99 20.73
CA CYS A 264 -15.77 2.94 21.84
C CYS A 264 -16.77 2.51 22.93
N ARG A 265 -17.86 1.84 22.53
CA ARG A 265 -18.85 1.33 23.47
CA ARG A 265 -18.85 1.33 23.47
C ARG A 265 -18.25 0.13 24.21
N LEU A 266 -17.52 -0.71 23.49
CA LEU A 266 -16.81 -1.90 24.02
C LEU A 266 -15.73 -1.42 24.99
N GLU A 267 -14.90 -0.44 24.55
CA GLU A 267 -13.83 0.12 25.35
C GLU A 267 -13.86 1.66 25.27
N PRO A 268 -14.56 2.32 26.23
CA PRO A 268 -14.71 3.79 26.18
C PRO A 268 -13.48 4.66 26.24
N THR A 269 -12.35 4.09 26.65
CA THR A 269 -11.04 4.77 26.72
C THR A 269 -10.52 5.12 25.31
N LEU A 270 -11.10 4.51 24.27
CA LEU A 270 -10.74 4.70 22.86
C LEU A 270 -11.14 6.06 22.31
N LYS A 271 -12.10 6.74 22.98
CA LYS A 271 -12.58 8.07 22.64
C LYS A 271 -11.42 9.12 22.59
N ASN A 272 -10.32 8.85 23.30
CA ASN A 272 -9.13 9.70 23.35
C ASN A 272 -7.90 9.11 22.62
N ALA A 273 -8.08 8.02 21.88
CA ALA A 273 -7.02 7.40 21.10
C ALA A 273 -6.91 8.10 19.74
N ARG A 274 -5.69 8.37 19.27
CA ARG A 274 -5.44 9.02 17.99
C ARG A 274 -5.55 8.03 16.85
N ILE A 275 -6.19 8.43 15.73
CA ILE A 275 -6.30 7.58 14.54
C ILE A 275 -5.04 7.84 13.71
N ILE A 276 -4.29 6.77 13.45
CA ILE A 276 -3.02 6.78 12.71
C ILE A 276 -3.27 6.47 11.24
N GLY A 277 -4.18 5.56 10.98
CA GLY A 277 -4.55 5.13 9.65
C GLY A 277 -5.80 4.30 9.57
N GLU A 278 -6.29 4.13 8.36
CA GLU A 278 -7.47 3.36 8.08
C GLU A 278 -7.28 2.64 6.78
N ARG A 279 -7.68 1.38 6.72
CA ARG A 279 -7.42 0.57 5.53
C ARG A 279 -8.59 -0.34 5.19
N THR A 280 -8.61 -0.85 3.94
CA THR A 280 -9.60 -1.77 3.39
C THR A 280 -8.87 -2.99 2.80
N GLY A 281 -9.46 -4.15 3.01
CA GLY A 281 -8.95 -5.43 2.55
C GLY A 281 -10.05 -6.40 2.19
N PHE A 282 -9.72 -7.31 1.30
CA PHE A 282 -10.65 -8.32 0.79
C PHE A 282 -10.25 -9.70 1.25
N ARG A 283 -10.96 -10.23 2.25
CA ARG A 283 -10.75 -11.58 2.74
C ARG A 283 -11.11 -12.53 1.59
N PRO A 284 -10.20 -13.46 1.20
CA PRO A 284 -10.51 -14.39 0.10
C PRO A 284 -11.47 -15.51 0.56
N VAL A 285 -12.77 -15.22 0.59
CA VAL A 285 -13.81 -16.09 1.14
C VAL A 285 -14.23 -17.20 0.20
N ARG A 286 -14.21 -18.42 0.70
CA ARG A 286 -14.58 -19.64 0.00
C ARG A 286 -15.17 -20.59 1.05
N PRO A 287 -16.20 -21.43 0.69
CA PRO A 287 -16.75 -22.41 1.67
C PRO A 287 -15.66 -23.27 2.32
N GLN A 288 -14.55 -23.48 1.58
CA GLN A 288 -13.35 -24.19 2.04
C GLN A 288 -12.17 -23.76 1.16
N ILE A 289 -10.94 -23.89 1.67
CA ILE A 289 -9.71 -23.56 0.92
C ILE A 289 -9.62 -24.49 -0.28
N ARG A 290 -9.20 -23.98 -1.44
CA ARG A 290 -8.94 -24.82 -2.58
C ARG A 290 -7.43 -25.14 -2.49
N LEU A 291 -7.09 -26.36 -2.08
CA LEU A 291 -5.70 -26.79 -1.97
C LEU A 291 -5.69 -28.17 -2.55
N GLU A 292 -5.37 -28.23 -3.85
CA GLU A 292 -5.43 -29.40 -4.70
C GLU A 292 -4.62 -29.24 -5.99
N ARG A 293 -4.33 -30.37 -6.66
CA ARG A 293 -3.63 -30.43 -7.95
C ARG A 293 -4.64 -30.38 -9.07
N GLU A 294 -4.23 -29.80 -10.20
CA GLU A 294 -5.01 -29.72 -11.43
C GLU A 294 -4.03 -29.88 -12.60
N GLN A 295 -4.47 -30.55 -13.67
CA GLN A 295 -3.65 -30.72 -14.86
C GLN A 295 -4.02 -29.63 -15.87
N LEU A 296 -2.99 -28.95 -16.39
CA LEU A 296 -3.17 -27.90 -17.40
C LEU A 296 -2.88 -28.53 -18.79
N ARG A 297 -3.60 -29.63 -19.10
CA ARG A 297 -3.54 -30.34 -20.38
C ARG A 297 -4.29 -29.48 -21.41
N THR A 298 -5.12 -28.54 -20.88
CA THR A 298 -5.90 -27.52 -21.60
C THR A 298 -4.95 -26.46 -22.20
N GLY A 299 -3.74 -26.38 -21.64
CA GLY A 299 -2.69 -25.46 -22.06
C GLY A 299 -1.41 -26.15 -22.50
N PRO A 300 -0.29 -25.38 -22.56
CA PRO A 300 0.99 -25.97 -23.01
C PRO A 300 1.53 -27.12 -22.17
N SER A 301 2.13 -28.14 -22.86
CA SER A 301 2.73 -29.36 -22.29
C SER A 301 1.78 -30.10 -21.34
N ASN A 302 2.31 -30.82 -20.34
CA ASN A 302 1.48 -31.50 -19.35
C ASN A 302 1.05 -30.42 -18.35
N THR A 303 2.04 -29.80 -17.66
CA THR A 303 1.96 -28.70 -16.68
C THR A 303 1.11 -28.35 -15.47
N GLU A 304 1.37 -29.03 -14.35
CA GLU A 304 0.48 -29.17 -13.21
C GLU A 304 0.36 -27.86 -12.43
N VAL A 305 -0.85 -27.59 -11.93
CA VAL A 305 -1.15 -26.39 -11.13
C VAL A 305 -1.54 -26.81 -9.71
N ILE A 306 -0.85 -26.21 -8.69
CA ILE A 306 -1.17 -26.41 -7.29
C ILE A 306 -1.96 -25.17 -6.87
N HIS A 307 -3.25 -25.37 -6.62
CA HIS A 307 -4.09 -24.29 -6.14
C HIS A 307 -3.92 -24.20 -4.65
N ASN A 308 -3.77 -22.97 -4.15
CA ASN A 308 -3.68 -22.69 -2.71
C ASN A 308 -4.28 -21.29 -2.39
N TYR A 309 -5.61 -21.22 -2.34
CA TYR A 309 -6.28 -19.94 -2.05
C TYR A 309 -7.62 -20.16 -1.42
N GLY A 310 -8.22 -19.09 -0.90
CA GLY A 310 -9.54 -19.10 -0.28
C GLY A 310 -9.50 -19.28 1.21
N HIS A 311 -8.56 -18.55 1.88
CA HIS A 311 -8.35 -18.64 3.33
C HIS A 311 -9.20 -17.71 4.19
N GLY A 312 -10.23 -17.10 3.60
CA GLY A 312 -11.15 -16.21 4.32
C GLY A 312 -10.45 -15.24 5.24
N GLY A 313 -10.93 -15.16 6.48
CA GLY A 313 -10.37 -14.34 7.54
C GLY A 313 -9.50 -15.15 8.46
N TYR A 314 -8.88 -16.22 7.95
CA TYR A 314 -8.04 -17.07 8.77
C TYR A 314 -6.77 -17.54 8.05
N GLY A 315 -6.29 -16.73 7.11
CA GLY A 315 -5.07 -16.98 6.34
C GLY A 315 -3.85 -17.21 7.18
N LEU A 316 -3.51 -16.22 8.05
CA LEU A 316 -2.37 -16.31 8.99
C LEU A 316 -2.50 -17.43 10.02
N THR A 317 -3.72 -17.69 10.50
CA THR A 317 -4.09 -18.74 11.46
C THR A 317 -3.79 -20.15 10.91
N ILE A 318 -3.97 -20.33 9.58
CA ILE A 318 -3.89 -21.62 8.90
C ILE A 318 -2.71 -21.83 7.98
N HIS A 319 -2.06 -20.76 7.51
CA HIS A 319 -0.99 -20.79 6.49
C HIS A 319 0.04 -21.90 6.55
N TRP A 320 0.47 -22.32 7.74
CA TRP A 320 1.56 -23.30 7.86
C TRP A 320 1.14 -24.74 7.58
N GLY A 321 -0.04 -25.14 8.06
CA GLY A 321 -0.64 -26.42 7.73
C GLY A 321 -0.99 -26.51 6.25
N CYS A 322 -1.17 -25.33 5.60
CA CYS A 322 -1.45 -25.21 4.16
C CYS A 322 -0.20 -25.35 3.34
N ALA A 323 0.88 -24.64 3.74
CA ALA A 323 2.15 -24.64 3.03
C ALA A 323 2.76 -26.05 3.00
N LEU A 324 2.61 -26.79 4.11
CA LEU A 324 3.05 -28.16 4.32
C LEU A 324 2.28 -29.12 3.46
N GLU A 325 0.95 -28.92 3.38
CA GLU A 325 0.08 -29.74 2.54
C GLU A 325 0.39 -29.52 1.07
N ALA A 326 0.70 -28.27 0.67
CA ALA A 326 1.06 -27.93 -0.71
C ALA A 326 2.42 -28.53 -1.05
N ALA A 327 3.35 -28.52 -0.05
CA ALA A 327 4.67 -29.12 -0.22
C ALA A 327 4.55 -30.65 -0.44
N LYS A 328 3.57 -31.31 0.23
CA LYS A 328 3.25 -32.73 0.12
C LYS A 328 2.67 -33.01 -1.29
N LEU A 329 1.83 -32.10 -1.81
CA LEU A 329 1.23 -32.22 -3.16
C LEU A 329 2.29 -32.07 -4.25
N PHE A 330 3.30 -31.21 -4.02
CA PHE A 330 4.41 -30.96 -4.92
C PHE A 330 5.27 -32.24 -5.05
N GLY A 331 5.41 -32.97 -3.95
CA GLY A 331 6.15 -34.23 -3.90
C GLY A 331 5.47 -35.32 -4.68
N ARG A 332 4.12 -35.34 -4.64
CA ARG A 332 3.29 -36.29 -5.37
C ARG A 332 3.43 -36.10 -6.89
N ILE A 333 3.70 -34.84 -7.32
CA ILE A 333 3.93 -34.48 -8.72
C ILE A 333 5.27 -35.11 -9.19
N LEU A 334 6.28 -35.12 -8.31
CA LEU A 334 7.60 -35.71 -8.60
C LEU A 334 7.54 -37.24 -8.73
N GLU A 335 6.89 -37.93 -7.76
CA GLU A 335 6.77 -39.39 -7.75
C GLU A 335 5.83 -40.00 -8.82
N GLU A 336 4.72 -39.30 -9.18
CA GLU A 336 3.77 -39.77 -10.19
C GLU A 336 4.36 -39.74 -11.59
N LYS A 337 5.17 -38.71 -11.89
CA LYS A 337 5.82 -38.49 -13.18
C LYS A 337 6.93 -39.52 -13.48
N LYS A 338 7.14 -40.49 -12.55
CA LYS A 338 8.18 -41.53 -12.58
C LYS A 338 9.59 -40.91 -12.45
N LEU A 339 9.65 -39.79 -11.70
CA LEU A 339 10.85 -38.99 -11.40
C LEU A 339 11.22 -39.18 -9.92
N SER A 340 11.57 -40.42 -9.53
CA SER A 340 11.94 -40.79 -8.15
C SER A 340 13.32 -40.29 -7.73
N MET B 1 -23.86 20.76 -14.45
CA MET B 1 -22.51 20.53 -14.94
C MET B 1 -21.82 19.32 -14.27
N ARG B 2 -21.69 18.21 -15.02
CA ARG B 2 -21.09 16.96 -14.55
C ARG B 2 -19.57 16.91 -14.81
N VAL B 3 -18.76 16.88 -13.74
CA VAL B 3 -17.30 16.82 -13.89
C VAL B 3 -16.76 15.48 -13.35
N VAL B 4 -16.01 14.73 -14.19
CA VAL B 4 -15.41 13.47 -13.77
C VAL B 4 -13.87 13.48 -13.82
N VAL B 5 -13.21 13.29 -12.65
CA VAL B 5 -11.75 13.23 -12.52
C VAL B 5 -11.29 11.75 -12.43
N ILE B 6 -10.35 11.36 -13.30
CA ILE B 6 -9.73 10.03 -13.38
C ILE B 6 -8.36 10.13 -12.71
N GLY B 7 -8.21 9.52 -11.54
CA GLY B 7 -6.96 9.57 -10.78
C GLY B 7 -7.16 10.18 -9.42
N ALA B 8 -6.67 9.50 -8.35
CA ALA B 8 -6.82 9.98 -6.97
C ALA B 8 -5.50 10.21 -6.24
N GLY B 9 -4.45 10.52 -6.99
CA GLY B 9 -3.16 10.90 -6.45
C GLY B 9 -3.19 12.40 -6.23
N VAL B 10 -2.03 13.03 -6.08
CA VAL B 10 -1.92 14.48 -5.83
C VAL B 10 -2.48 15.33 -7.00
N ILE B 11 -2.20 14.91 -8.22
CA ILE B 11 -2.65 15.63 -9.38
C ILE B 11 -4.19 15.57 -9.44
N GLY B 12 -4.74 14.36 -9.39
CA GLY B 12 -6.17 14.11 -9.38
C GLY B 12 -6.91 14.87 -8.31
N LEU B 13 -6.54 14.61 -7.04
CA LEU B 13 -7.21 15.24 -5.91
C LEU B 13 -7.13 16.76 -5.82
N SER B 14 -5.95 17.36 -6.12
CA SER B 14 -5.77 18.81 -6.08
C SER B 14 -6.48 19.50 -7.26
N THR B 15 -6.54 18.82 -8.43
CA THR B 15 -7.27 19.33 -9.61
C THR B 15 -8.77 19.39 -9.29
N ALA B 16 -9.28 18.37 -8.56
CA ALA B 16 -10.68 18.30 -8.11
C ALA B 16 -10.99 19.39 -7.07
N LEU B 17 -10.03 19.69 -6.16
CA LEU B 17 -10.21 20.72 -5.13
C LEU B 17 -10.23 22.11 -5.76
N CYS B 18 -9.42 22.33 -6.83
CA CYS B 18 -9.40 23.58 -7.58
C CYS B 18 -10.75 23.82 -8.21
N ILE B 19 -11.14 22.95 -9.18
CA ILE B 19 -12.41 23.00 -9.89
C ILE B 19 -13.62 23.32 -8.99
N HIS B 20 -13.64 22.79 -7.74
CA HIS B 20 -14.73 23.09 -6.81
C HIS B 20 -14.67 24.54 -6.29
N GLU B 21 -13.65 24.87 -5.46
CA GLU B 21 -13.47 26.19 -4.84
C GLU B 21 -13.63 27.44 -5.72
N ARG B 22 -13.31 27.34 -7.03
CA ARG B 22 -13.45 28.46 -7.97
C ARG B 22 -14.65 28.40 -8.91
N TYR B 23 -15.43 27.30 -8.88
CA TYR B 23 -16.61 27.14 -9.74
C TYR B 23 -17.87 26.61 -9.03
N HIS B 24 -17.87 26.50 -7.67
CA HIS B 24 -19.03 25.99 -6.92
C HIS B 24 -20.19 26.99 -6.82
N SER B 25 -19.87 28.28 -6.64
CA SER B 25 -20.84 29.37 -6.52
C SER B 25 -21.24 29.91 -7.90
N VAL B 26 -20.23 30.25 -8.73
CA VAL B 26 -20.40 30.81 -10.08
C VAL B 26 -21.17 29.90 -11.06
N LEU B 27 -21.05 28.58 -10.87
CA LEU B 27 -21.76 27.55 -11.63
C LEU B 27 -22.74 26.90 -10.66
N GLN B 28 -24.05 26.99 -10.95
CA GLN B 28 -25.13 26.47 -10.10
C GLN B 28 -25.02 24.96 -9.78
N PRO B 29 -25.42 23.98 -10.63
CA PRO B 29 -25.27 22.57 -10.24
C PRO B 29 -23.95 21.95 -10.74
N LEU B 30 -22.89 22.00 -9.89
CA LEU B 30 -21.57 21.45 -10.21
C LEU B 30 -21.31 20.12 -9.49
N ASP B 31 -21.69 19.00 -10.14
CA ASP B 31 -21.53 17.64 -9.64
C ASP B 31 -20.11 17.10 -9.96
N ILE B 32 -19.24 17.01 -8.94
CA ILE B 32 -17.88 16.51 -9.12
C ILE B 32 -17.76 15.04 -8.72
N LYS B 33 -17.20 14.21 -9.62
CA LYS B 33 -16.98 12.78 -9.37
C LYS B 33 -15.49 12.41 -9.53
N VAL B 34 -14.99 11.58 -8.63
CA VAL B 34 -13.63 11.07 -8.70
C VAL B 34 -13.64 9.54 -8.94
N TYR B 35 -12.97 9.09 -10.02
CA TYR B 35 -12.80 7.67 -10.36
C TYR B 35 -11.29 7.35 -10.30
N ALA B 36 -10.89 6.38 -9.48
CA ALA B 36 -9.48 5.97 -9.37
C ALA B 36 -9.33 4.49 -9.12
N ASP B 37 -8.22 3.94 -9.61
CA ASP B 37 -7.87 2.53 -9.45
C ASP B 37 -7.29 2.34 -8.03
N ARG B 38 -6.20 3.09 -7.72
CA ARG B 38 -5.53 3.06 -6.43
CA ARG B 38 -5.50 3.07 -6.43
C ARG B 38 -5.75 4.38 -5.68
N PHE B 39 -6.04 4.28 -4.36
CA PHE B 39 -6.37 5.38 -3.47
C PHE B 39 -5.17 5.82 -2.52
N THR B 40 -5.54 6.60 -1.46
CA THR B 40 -4.83 7.10 -0.26
C THR B 40 -3.46 6.56 0.15
N PRO B 41 -3.22 5.24 0.45
CA PRO B 41 -1.86 4.80 0.78
C PRO B 41 -1.11 4.11 -0.39
N LEU B 42 -1.83 3.70 -1.46
CA LEU B 42 -1.38 2.92 -2.62
C LEU B 42 -0.93 3.68 -3.90
N THR B 43 -0.88 5.02 -3.86
CA THR B 43 -0.44 5.82 -5.03
C THR B 43 1.08 6.14 -4.98
N THR B 44 1.63 6.71 -6.08
CA THR B 44 3.04 7.14 -6.16
C THR B 44 3.25 8.33 -5.20
N THR B 45 2.16 9.12 -4.99
CA THR B 45 2.10 10.28 -4.10
C THR B 45 2.45 9.87 -2.66
N ASP B 46 2.07 8.64 -2.28
CA ASP B 46 2.33 8.04 -0.96
C ASP B 46 3.76 7.56 -0.69
N VAL B 47 4.60 7.47 -1.74
CA VAL B 47 6.00 7.03 -1.74
C VAL B 47 6.91 8.29 -1.66
N ALA B 48 6.43 9.43 -2.23
CA ALA B 48 7.06 10.74 -2.30
C ALA B 48 7.31 11.34 -0.93
N ALA B 49 8.56 11.81 -0.70
CA ALA B 49 9.05 12.42 0.55
C ALA B 49 8.33 13.73 0.88
N GLY B 50 7.95 14.48 -0.16
CA GLY B 50 7.24 15.75 -0.03
C GLY B 50 8.07 17.01 -0.03
N LEU B 51 9.39 16.90 -0.24
CA LEU B 51 10.24 18.10 -0.29
C LEU B 51 10.03 18.96 -1.54
N TRP B 52 9.68 20.25 -1.32
CA TRP B 52 9.50 21.22 -2.39
C TRP B 52 10.86 21.56 -2.94
N GLN B 53 11.15 21.07 -4.15
CA GLN B 53 12.39 21.37 -4.88
C GLN B 53 12.27 21.03 -6.36
N PRO B 54 12.29 22.07 -7.21
CA PRO B 54 12.17 21.85 -8.65
C PRO B 54 13.48 21.34 -9.25
N TYR B 55 13.50 21.19 -10.58
CA TYR B 55 14.64 20.76 -11.39
C TYR B 55 15.82 21.74 -11.24
N LEU B 56 17.07 21.21 -11.22
CA LEU B 56 18.31 22.00 -11.10
C LEU B 56 18.47 22.99 -12.26
N SER B 57 18.05 22.57 -13.49
CA SER B 57 18.10 23.35 -14.74
C SER B 57 16.73 23.34 -15.44
N ASP B 58 16.43 24.43 -16.19
CA ASP B 58 15.18 24.66 -16.93
C ASP B 58 14.82 23.50 -17.88
N PRO B 59 13.72 22.74 -17.59
CA PRO B 59 13.33 21.63 -18.48
C PRO B 59 12.71 21.93 -19.86
N ASN B 60 13.30 22.94 -20.56
CA ASN B 60 12.88 23.54 -21.84
C ASN B 60 11.50 24.25 -21.82
N ASN B 61 10.89 24.41 -20.62
CA ASN B 61 9.67 25.18 -20.38
C ASN B 61 9.77 26.06 -19.12
N PRO B 62 9.73 27.42 -19.25
CA PRO B 62 9.81 28.28 -18.04
C PRO B 62 8.49 28.36 -17.25
N GLN B 63 7.37 27.85 -17.86
CA GLN B 63 6.03 27.82 -17.26
C GLN B 63 6.01 26.91 -16.04
N GLU B 64 6.80 25.81 -16.08
CA GLU B 64 6.93 24.84 -15.00
C GLU B 64 7.45 25.54 -13.73
N ALA B 65 8.47 26.41 -13.88
CA ALA B 65 9.07 27.24 -12.83
C ALA B 65 8.04 28.17 -12.16
N ASP B 66 7.05 28.66 -12.92
CA ASP B 66 6.00 29.53 -12.41
C ASP B 66 5.02 28.76 -11.52
N TRP B 67 4.68 27.51 -11.92
CA TRP B 67 3.76 26.61 -11.20
C TRP B 67 4.34 26.14 -9.87
N SER B 68 5.68 25.95 -9.81
CA SER B 68 6.41 25.55 -8.60
C SER B 68 6.34 26.72 -7.59
N GLN B 69 6.62 27.96 -8.06
CA GLN B 69 6.57 29.21 -7.32
C GLN B 69 5.19 29.40 -6.65
N GLN B 70 4.11 29.25 -7.45
CA GLN B 70 2.69 29.32 -7.10
C GLN B 70 2.35 28.28 -6.05
N THR B 71 2.97 27.08 -6.13
CA THR B 71 2.79 25.98 -5.19
C THR B 71 3.47 26.38 -3.87
N PHE B 72 4.69 26.97 -3.96
CA PHE B 72 5.44 27.39 -2.79
C PHE B 72 4.69 28.50 -2.08
N ASP B 73 4.18 29.50 -2.84
CA ASP B 73 3.46 30.62 -2.27
C ASP B 73 2.12 30.21 -1.63
N TYR B 74 1.45 29.19 -2.21
CA TYR B 74 0.19 28.63 -1.70
C TYR B 74 0.44 27.93 -0.35
N LEU B 75 1.37 26.95 -0.31
CA LEU B 75 1.75 26.18 0.88
C LEU B 75 2.36 27.04 2.00
N LEU B 76 3.16 28.07 1.65
CA LEU B 76 3.77 28.95 2.65
C LEU B 76 2.70 29.77 3.40
N SER B 77 1.56 30.05 2.76
CA SER B 77 0.47 30.79 3.39
C SER B 77 -0.34 29.92 4.39
N HIS B 78 -0.14 28.58 4.36
CA HIS B 78 -0.84 27.63 5.26
C HIS B 78 0.05 26.90 6.27
N VAL B 79 1.38 27.17 6.24
CA VAL B 79 2.34 26.57 7.18
C VAL B 79 2.14 27.06 8.62
N HIS B 80 1.68 28.32 8.79
CA HIS B 80 1.39 28.93 10.09
C HIS B 80 -0.13 28.97 10.38
N SER B 81 -0.88 27.97 9.86
CA SER B 81 -2.33 27.81 10.05
C SER B 81 -2.61 26.57 10.95
N PRO B 82 -3.76 26.48 11.68
CA PRO B 82 -3.99 25.29 12.53
C PRO B 82 -4.10 23.95 11.78
N ASN B 83 -4.47 24.00 10.48
CA ASN B 83 -4.63 22.85 9.57
C ASN B 83 -3.31 22.18 9.16
N ALA B 84 -2.19 22.96 9.15
CA ALA B 84 -0.82 22.57 8.75
C ALA B 84 -0.37 21.12 8.99
N GLU B 85 -0.74 20.52 10.14
CA GLU B 85 -0.32 19.14 10.39
C GLU B 85 -1.23 18.02 9.84
N ASN B 86 -2.42 18.41 9.36
CA ASN B 86 -3.34 17.48 8.70
C ASN B 86 -2.83 17.29 7.27
N LEU B 87 -2.18 18.35 6.71
CA LEU B 87 -1.56 18.35 5.37
C LEU B 87 -0.17 17.72 5.40
N GLY B 88 0.43 17.61 6.58
CA GLY B 88 1.80 17.13 6.71
C GLY B 88 2.73 18.20 6.17
N LEU B 89 2.41 19.48 6.51
CA LEU B 89 3.10 20.71 6.13
C LEU B 89 3.95 21.23 7.28
N PHE B 90 5.22 21.51 6.97
CA PHE B 90 6.22 22.04 7.89
C PHE B 90 7.42 22.54 7.12
N LEU B 91 8.06 23.60 7.66
CA LEU B 91 9.26 24.17 7.07
C LEU B 91 10.45 23.27 7.46
N ILE B 92 11.47 23.24 6.59
CA ILE B 92 12.69 22.48 6.83
C ILE B 92 13.88 23.11 6.11
N SER B 93 15.03 23.16 6.77
CA SER B 93 16.26 23.74 6.25
C SER B 93 17.20 22.61 5.85
N GLY B 94 18.12 22.86 4.93
CA GLY B 94 18.98 21.76 4.52
C GLY B 94 19.97 22.01 3.42
N TYR B 95 20.89 21.06 3.29
CA TYR B 95 22.05 21.04 2.42
C TYR B 95 21.84 20.44 1.06
N ASN B 96 22.30 21.17 0.03
CA ASN B 96 22.36 20.74 -1.36
C ASN B 96 23.86 20.68 -1.67
N LEU B 97 24.42 19.46 -1.76
CA LEU B 97 25.86 19.23 -1.96
C LEU B 97 26.28 18.84 -3.39
N PHE B 98 27.28 19.56 -3.91
CA PHE B 98 27.82 19.41 -5.26
C PHE B 98 29.34 19.19 -5.17
N HIS B 99 30.03 18.96 -6.31
CA HIS B 99 31.49 18.79 -6.35
C HIS B 99 32.14 20.11 -6.81
N GLU B 100 32.04 20.42 -8.12
CA GLU B 100 32.63 21.63 -8.70
C GLU B 100 31.58 22.74 -8.80
N ALA B 101 32.00 24.00 -8.54
CA ALA B 101 31.16 25.21 -8.57
C ALA B 101 30.18 25.25 -9.76
N ILE B 102 28.89 25.19 -9.44
CA ILE B 102 27.77 25.16 -10.39
C ILE B 102 26.82 26.38 -10.21
N PRO B 103 26.05 26.83 -11.25
CA PRO B 103 25.20 28.02 -11.06
C PRO B 103 24.02 27.84 -10.10
N ASP B 104 23.65 28.97 -9.46
CA ASP B 104 22.53 29.09 -8.53
C ASP B 104 21.18 28.77 -9.21
N PRO B 105 20.17 28.26 -8.49
CA PRO B 105 18.91 27.89 -9.17
C PRO B 105 18.01 29.09 -9.41
N SER B 106 16.98 28.91 -10.26
CA SER B 106 15.99 29.95 -10.58
C SER B 106 15.13 30.25 -9.34
N TRP B 107 14.86 29.21 -8.52
CA TRP B 107 14.06 29.23 -7.29
C TRP B 107 14.73 29.90 -6.05
N LYS B 108 15.98 30.36 -6.21
CA LYS B 108 16.82 31.07 -5.25
C LYS B 108 16.04 32.08 -4.39
N ASP B 109 15.18 32.88 -5.05
CA ASP B 109 14.38 33.94 -4.44
C ASP B 109 13.01 33.46 -3.95
N THR B 110 12.59 32.24 -4.36
CA THR B 110 11.32 31.64 -3.97
C THR B 110 11.48 30.98 -2.60
N VAL B 111 12.51 30.11 -2.44
CA VAL B 111 12.82 29.45 -1.15
C VAL B 111 13.26 30.49 -0.10
N LEU B 112 13.22 30.13 1.19
CA LEU B 112 13.62 31.05 2.24
C LEU B 112 15.13 30.95 2.54
N GLY B 113 15.73 32.11 2.80
CA GLY B 113 17.12 32.33 3.17
C GLY B 113 18.17 31.55 2.41
N PHE B 114 18.08 31.53 1.09
CA PHE B 114 19.05 30.84 0.24
C PHE B 114 20.42 31.55 0.27
N ARG B 115 21.48 30.73 0.33
CA ARG B 115 22.89 31.12 0.32
C ARG B 115 23.78 29.90 0.06
N LYS B 116 25.00 30.15 -0.40
CA LYS B 116 26.02 29.14 -0.67
C LYS B 116 26.57 28.61 0.65
N LEU B 117 27.18 27.41 0.66
CA LEU B 117 27.76 26.87 1.90
C LEU B 117 29.09 27.56 2.21
N THR B 118 29.43 27.67 3.52
CA THR B 118 30.69 28.27 4.00
C THR B 118 31.76 27.17 4.07
N PRO B 119 33.09 27.45 4.02
CA PRO B 119 34.08 26.35 4.10
C PRO B 119 33.98 25.41 5.30
N ARG B 120 33.47 25.90 6.46
CA ARG B 120 33.30 25.12 7.70
C ARG B 120 32.21 24.08 7.60
N GLU B 121 31.11 24.40 6.88
CA GLU B 121 29.99 23.48 6.70
C GLU B 121 30.39 22.38 5.73
N LEU B 122 31.16 22.75 4.67
CA LEU B 122 31.64 21.83 3.64
C LEU B 122 32.70 20.84 4.14
N ASP B 123 33.17 21.02 5.39
CA ASP B 123 34.17 20.17 6.05
C ASP B 123 33.52 18.94 6.68
N MET B 124 32.22 19.03 7.00
CA MET B 124 31.42 17.95 7.59
C MET B 124 31.26 16.80 6.58
N PHE B 125 31.09 17.15 5.30
CA PHE B 125 30.92 16.21 4.18
C PHE B 125 32.15 16.40 3.27
N PRO B 126 33.27 15.68 3.54
CA PRO B 126 34.52 15.91 2.77
C PRO B 126 34.53 15.56 1.28
N ASP B 127 33.66 14.64 0.84
CA ASP B 127 33.56 14.20 -0.55
C ASP B 127 32.97 15.29 -1.48
N TYR B 128 32.25 16.27 -0.90
CA TYR B 128 31.62 17.37 -1.63
C TYR B 128 32.33 18.70 -1.35
N GLY B 129 32.70 19.41 -2.42
CA GLY B 129 33.47 20.66 -2.35
C GLY B 129 32.73 21.98 -2.61
N TYR B 130 31.42 21.91 -2.87
CA TYR B 130 30.57 23.08 -3.13
C TYR B 130 29.11 22.70 -2.77
N GLY B 131 28.28 23.71 -2.49
CA GLY B 131 26.88 23.48 -2.17
C GLY B 131 26.13 24.68 -1.65
N TRP B 132 24.84 24.47 -1.33
CA TRP B 132 23.94 25.50 -0.79
C TRP B 132 23.25 25.06 0.51
N PHE B 133 22.60 26.05 1.14
CA PHE B 133 21.76 25.94 2.32
C PHE B 133 20.53 26.86 2.13
N HIS B 134 19.33 26.32 2.40
CA HIS B 134 18.07 27.07 2.33
C HIS B 134 16.99 26.45 3.20
N THR B 135 15.85 27.15 3.30
CA THR B 135 14.65 26.66 3.99
C THR B 135 13.60 26.40 2.90
N SER B 136 13.03 25.21 2.93
CA SER B 136 11.99 24.82 2.00
C SER B 136 10.78 24.33 2.83
N LEU B 137 9.92 23.49 2.24
CA LEU B 137 8.73 22.95 2.87
C LEU B 137 8.60 21.49 2.56
N ILE B 138 7.86 20.79 3.42
CA ILE B 138 7.50 19.41 3.20
CA ILE B 138 7.51 19.39 3.25
C ILE B 138 5.99 19.33 3.18
N LEU B 139 5.47 18.59 2.21
CA LEU B 139 4.06 18.34 2.01
C LEU B 139 3.96 16.86 1.68
N GLU B 140 3.98 16.04 2.73
CA GLU B 140 3.94 14.57 2.69
C GLU B 140 2.67 14.05 2.03
N GLY B 141 2.84 13.21 1.01
CA GLY B 141 1.75 12.60 0.23
C GLY B 141 0.55 12.11 1.03
N LYS B 142 0.71 11.02 1.82
CA LYS B 142 -0.33 10.38 2.66
C LYS B 142 -1.25 11.37 3.39
N ASN B 143 -0.67 12.22 4.26
CA ASN B 143 -1.37 13.24 5.07
C ASN B 143 -2.06 14.25 4.17
N TYR B 144 -1.39 14.67 3.09
CA TYR B 144 -1.93 15.63 2.14
C TYR B 144 -3.12 15.01 1.38
N LEU B 145 -2.98 13.76 0.89
CA LEU B 145 -4.01 12.98 0.18
C LEU B 145 -5.22 12.73 1.06
N GLN B 146 -4.98 12.51 2.35
CA GLN B 146 -6.04 12.31 3.33
C GLN B 146 -6.69 13.65 3.68
N TRP B 147 -5.93 14.74 3.62
CA TRP B 147 -6.41 16.11 3.86
C TRP B 147 -7.23 16.58 2.65
N LEU B 148 -6.82 16.20 1.43
CA LEU B 148 -7.54 16.58 0.20
C LEU B 148 -8.86 15.85 0.19
N THR B 149 -8.85 14.51 0.41
CA THR B 149 -10.03 13.63 0.51
C THR B 149 -11.04 14.21 1.52
N GLU B 150 -10.59 14.54 2.75
CA GLU B 150 -11.40 15.13 3.83
C GLU B 150 -12.07 16.42 3.39
N ARG B 151 -11.32 17.31 2.69
CA ARG B 151 -11.81 18.58 2.15
C ARG B 151 -12.84 18.37 1.02
N LEU B 152 -12.55 17.41 0.12
CA LEU B 152 -13.41 17.00 -1.00
C LEU B 152 -14.70 16.34 -0.50
N THR B 153 -14.65 15.61 0.64
CA THR B 153 -15.81 14.96 1.25
C THR B 153 -16.85 16.01 1.69
N GLU B 154 -16.40 17.04 2.44
CA GLU B 154 -17.24 18.14 2.92
C GLU B 154 -17.64 19.15 1.82
N ARG B 155 -17.04 19.04 0.62
CA ARG B 155 -17.37 19.88 -0.52
C ARG B 155 -18.29 19.18 -1.53
N GLY B 156 -18.88 18.05 -1.11
CA GLY B 156 -19.81 17.25 -1.89
C GLY B 156 -19.28 16.26 -2.91
N VAL B 157 -17.94 16.18 -3.07
CA VAL B 157 -17.30 15.29 -4.02
C VAL B 157 -17.42 13.84 -3.56
N LYS B 158 -17.98 12.99 -4.43
CA LYS B 158 -18.20 11.57 -4.21
C LYS B 158 -17.09 10.76 -4.85
N PHE B 159 -16.62 9.71 -4.16
CA PHE B 159 -15.49 8.88 -4.61
C PHE B 159 -15.89 7.52 -5.10
N PHE B 160 -15.35 7.08 -6.26
CA PHE B 160 -15.66 5.78 -6.87
C PHE B 160 -14.40 5.01 -7.31
N GLN B 161 -14.23 3.77 -6.77
CA GLN B 161 -13.06 2.93 -7.02
C GLN B 161 -13.25 2.04 -8.26
N ARG B 162 -12.61 2.40 -9.37
CA ARG B 162 -12.67 1.65 -10.64
C ARG B 162 -11.49 1.95 -11.57
N LYS B 163 -11.30 1.09 -12.58
CA LYS B 163 -10.26 1.22 -13.58
C LYS B 163 -10.92 1.51 -14.94
N VAL B 164 -10.44 2.60 -15.56
CA VAL B 164 -10.87 3.10 -16.86
C VAL B 164 -9.94 2.46 -17.91
N GLU B 165 -10.53 1.79 -18.92
CA GLU B 165 -9.80 1.11 -20.00
C GLU B 165 -9.62 1.99 -21.24
N SER B 166 -10.54 2.98 -21.47
CA SER B 166 -10.50 3.94 -22.59
C SER B 166 -11.29 5.22 -22.22
N PHE B 167 -11.00 6.36 -22.88
CA PHE B 167 -11.73 7.62 -22.59
C PHE B 167 -13.20 7.54 -23.04
N GLU B 168 -13.46 6.89 -24.20
CA GLU B 168 -14.78 6.68 -24.78
C GLU B 168 -15.81 6.08 -23.80
N GLU B 169 -15.33 5.34 -22.77
CA GLU B 169 -16.11 4.72 -21.68
C GLU B 169 -16.95 5.77 -20.93
N VAL B 170 -16.24 6.68 -20.21
CA VAL B 170 -16.71 7.73 -19.29
C VAL B 170 -17.62 8.76 -19.96
N ALA B 171 -17.29 9.17 -21.20
CA ALA B 171 -18.02 10.11 -22.03
C ALA B 171 -19.51 9.69 -22.18
N ARG B 172 -19.75 8.38 -22.46
CA ARG B 172 -21.08 7.79 -22.59
C ARG B 172 -21.90 7.83 -21.27
N GLU B 173 -21.21 7.89 -20.09
CA GLU B 173 -21.83 8.00 -18.75
C GLU B 173 -22.49 9.36 -18.42
N GLY B 174 -22.37 10.35 -19.32
CA GLY B 174 -22.95 11.69 -19.17
C GLY B 174 -22.07 12.75 -18.54
N ALA B 175 -20.75 12.53 -18.50
CA ALA B 175 -19.82 13.53 -17.96
C ALA B 175 -19.60 14.67 -18.96
N ASP B 176 -19.79 15.94 -18.52
CA ASP B 176 -19.58 17.11 -19.36
C ASP B 176 -18.09 17.33 -19.64
N VAL B 177 -17.26 17.22 -18.58
CA VAL B 177 -15.81 17.42 -18.64
C VAL B 177 -15.12 16.23 -17.96
N ILE B 178 -14.08 15.67 -18.59
CA ILE B 178 -13.27 14.57 -18.06
C ILE B 178 -11.82 15.01 -17.80
N VAL B 179 -11.36 14.95 -16.55
CA VAL B 179 -9.96 15.31 -16.21
C VAL B 179 -9.13 14.03 -15.97
N ASN B 180 -8.05 13.86 -16.77
CA ASN B 180 -7.11 12.73 -16.83
C ASN B 180 -5.85 12.96 -16.01
N CYS B 181 -5.83 12.43 -14.78
CA CYS B 181 -4.72 12.59 -13.86
C CYS B 181 -4.11 11.23 -13.45
N THR B 182 -3.96 10.34 -14.45
CA THR B 182 -3.43 8.98 -14.39
C THR B 182 -1.90 8.81 -14.11
N GLY B 183 -1.15 9.90 -14.07
CA GLY B 183 0.29 9.89 -13.79
C GLY B 183 1.15 9.10 -14.76
N VAL B 184 1.90 8.11 -14.22
CA VAL B 184 2.81 7.22 -14.94
C VAL B 184 2.10 6.12 -15.79
N TRP B 185 0.81 5.85 -15.48
CA TRP B 185 -0.01 4.85 -16.20
C TRP B 185 -0.86 5.48 -17.31
N ALA B 186 -0.45 6.68 -17.78
CA ALA B 186 -1.15 7.43 -18.81
C ALA B 186 -1.03 6.87 -20.23
N GLY B 187 0.06 6.13 -20.51
CA GLY B 187 0.30 5.49 -21.79
C GLY B 187 -0.69 4.38 -22.10
N ALA B 188 -1.35 3.85 -21.04
CA ALA B 188 -2.36 2.78 -21.09
C ALA B 188 -3.68 3.23 -21.75
N LEU B 189 -4.10 4.50 -21.54
CA LEU B 189 -5.33 5.08 -22.11
C LEU B 189 -5.09 5.69 -23.49
N GLN B 190 -3.88 6.25 -23.71
CA GLN B 190 -3.43 6.86 -24.96
C GLN B 190 -1.90 6.75 -25.01
N ARG B 191 -1.40 5.92 -25.97
CA ARG B 191 0.03 5.62 -26.21
CA ARG B 191 0.02 5.63 -26.17
C ARG B 191 0.90 6.88 -26.15
N ASP B 192 1.91 6.87 -25.25
CA ASP B 192 2.85 7.97 -25.10
C ASP B 192 4.30 7.44 -25.02
N PRO B 193 5.04 7.45 -26.17
CA PRO B 193 6.42 6.96 -26.18
C PRO B 193 7.39 7.78 -25.32
N LEU B 194 7.01 9.04 -24.99
CA LEU B 194 7.79 9.96 -24.16
C LEU B 194 7.63 9.69 -22.66
N LEU B 195 6.43 9.22 -22.22
CA LEU B 195 6.16 8.89 -20.83
C LEU B 195 6.68 7.50 -20.49
N GLN B 196 7.56 7.47 -19.49
CA GLN B 196 8.20 6.27 -18.95
C GLN B 196 8.33 6.37 -17.41
N PRO B 197 8.45 5.25 -16.65
CA PRO B 197 8.58 5.37 -15.19
C PRO B 197 9.99 5.76 -14.76
N GLY B 198 10.05 6.60 -13.74
CA GLY B 198 11.29 6.99 -13.07
C GLY B 198 11.34 6.19 -11.79
N ARG B 199 11.52 4.85 -11.92
CA ARG B 199 11.53 3.95 -10.79
C ARG B 199 12.47 4.39 -9.70
N GLY B 200 11.87 4.60 -8.54
CA GLY B 200 12.55 5.04 -7.34
C GLY B 200 12.25 4.10 -6.20
N GLN B 201 13.18 4.07 -5.24
CA GLN B 201 13.09 3.25 -4.05
C GLN B 201 13.52 4.08 -2.85
N ILE B 202 12.78 3.96 -1.75
CA ILE B 202 13.02 4.68 -0.52
C ILE B 202 13.02 3.77 0.70
N MET B 203 13.63 4.28 1.77
CA MET B 203 13.75 3.66 3.06
C MET B 203 13.20 4.68 4.03
N LYS B 204 12.37 4.21 4.94
CA LYS B 204 11.81 5.03 6.00
C LYS B 204 12.55 4.54 7.23
N VAL B 205 13.26 5.46 7.90
CA VAL B 205 14.13 5.14 9.02
C VAL B 205 13.80 5.98 10.27
N ASP B 206 14.06 5.42 11.45
CA ASP B 206 13.79 6.13 12.70
C ASP B 206 15.06 6.85 13.19
N ALA B 207 15.17 8.15 12.86
CA ALA B 207 16.29 9.00 13.23
C ALA B 207 15.76 10.40 13.63
N PRO B 208 15.10 10.56 14.81
CA PRO B 208 14.52 11.88 15.13
C PRO B 208 15.51 13.00 15.40
N TRP B 209 16.81 12.66 15.55
CA TRP B 209 17.87 13.66 15.71
C TRP B 209 18.20 14.36 14.38
N MET B 210 17.80 13.75 13.23
CA MET B 210 18.01 14.27 11.88
C MET B 210 17.07 15.45 11.69
N LYS B 211 17.64 16.64 11.70
CA LYS B 211 16.88 17.89 11.62
C LYS B 211 16.89 18.60 10.26
N HIS B 212 17.90 18.31 9.41
CA HIS B 212 17.99 18.95 8.08
C HIS B 212 17.86 17.93 6.95
N PHE B 213 17.43 18.42 5.77
CA PHE B 213 17.43 17.59 4.58
C PHE B 213 18.86 17.63 4.04
N ILE B 214 19.26 16.58 3.31
CA ILE B 214 20.60 16.49 2.73
C ILE B 214 20.46 15.88 1.32
N LEU B 215 20.50 16.71 0.27
CA LEU B 215 20.41 16.20 -1.10
C LEU B 215 21.76 16.38 -1.78
N THR B 216 22.34 15.28 -2.29
CA THR B 216 23.62 15.37 -2.99
C THR B 216 23.45 15.32 -4.51
N HIS B 217 24.50 15.71 -5.24
CA HIS B 217 24.43 15.74 -6.70
C HIS B 217 25.72 15.17 -7.29
N ASP B 218 25.60 14.03 -8.00
CA ASP B 218 26.73 13.33 -8.64
C ASP B 218 26.58 13.34 -10.17
N PRO B 219 27.65 13.70 -10.93
CA PRO B 219 27.53 13.73 -12.39
C PRO B 219 27.51 12.35 -13.07
N GLU B 220 28.38 11.41 -12.61
CA GLU B 220 28.52 10.04 -13.14
C GLU B 220 27.26 9.17 -13.02
N ARG B 221 26.42 9.42 -11.97
CA ARG B 221 25.18 8.68 -11.70
C ARG B 221 23.94 9.39 -12.27
N GLY B 222 23.88 10.70 -12.09
CA GLY B 222 22.80 11.54 -12.61
C GLY B 222 21.76 11.98 -11.60
N ILE B 223 20.69 12.64 -12.14
CA ILE B 223 19.50 13.19 -11.44
C ILE B 223 18.49 12.21 -10.82
N TYR B 224 18.25 12.34 -9.48
CA TYR B 224 17.47 11.50 -8.53
C TYR B 224 18.15 10.14 -8.19
N ASN B 225 19.40 9.91 -8.65
CA ASN B 225 20.20 8.70 -8.45
C ASN B 225 21.42 8.86 -7.50
N SER B 226 21.49 10.02 -6.80
CA SER B 226 22.53 10.37 -5.84
C SER B 226 21.94 10.33 -4.40
N PRO B 227 22.69 9.88 -3.35
CA PRO B 227 22.09 9.78 -2.00
C PRO B 227 21.38 11.03 -1.47
N TYR B 228 20.24 10.84 -0.81
CA TYR B 228 19.47 11.91 -0.18
C TYR B 228 18.79 11.46 1.12
N ILE B 229 18.76 12.36 2.12
CA ILE B 229 18.18 12.15 3.45
C ILE B 229 17.11 13.24 3.63
N ILE B 230 15.85 12.84 3.87
CA ILE B 230 14.72 13.77 4.03
C ILE B 230 13.91 13.51 5.32
N PRO B 231 14.08 14.31 6.39
CA PRO B 231 13.29 14.08 7.62
C PRO B 231 11.82 14.46 7.42
N GLY B 232 10.91 13.60 7.89
CA GLY B 232 9.47 13.83 7.80
C GLY B 232 8.82 14.07 9.15
N THR B 233 7.49 14.10 9.16
CA THR B 233 6.69 14.34 10.37
C THR B 233 6.77 13.26 11.45
N GLN B 234 7.23 12.04 11.10
CA GLN B 234 7.27 10.88 12.02
C GLN B 234 8.48 9.97 11.78
N THR B 235 9.06 10.03 10.58
CA THR B 235 10.15 9.16 10.10
C THR B 235 11.13 9.94 9.20
N VAL B 236 12.32 9.36 8.94
CA VAL B 236 13.29 9.97 8.05
C VAL B 236 13.40 9.17 6.74
N THR B 237 13.16 9.84 5.59
CA THR B 237 13.23 9.26 4.26
C THR B 237 14.70 9.15 3.78
N LEU B 238 15.08 7.96 3.28
CA LEU B 238 16.42 7.70 2.72
C LEU B 238 16.24 7.22 1.27
N GLY B 239 16.98 7.84 0.35
CA GLY B 239 16.90 7.48 -1.06
C GLY B 239 18.14 7.76 -1.88
N GLY B 240 18.02 7.48 -3.18
CA GLY B 240 19.10 7.68 -4.15
C GLY B 240 19.05 6.76 -5.35
N ILE B 241 17.83 6.32 -5.73
CA ILE B 241 17.60 5.42 -6.86
C ILE B 241 16.73 6.05 -7.95
N PHE B 242 17.16 5.88 -9.21
CA PHE B 242 16.45 6.38 -10.38
C PHE B 242 16.76 5.50 -11.59
N GLN B 243 15.80 4.65 -11.98
CA GLN B 243 15.92 3.74 -13.12
C GLN B 243 14.87 4.05 -14.18
N LEU B 244 15.33 4.59 -15.33
CA LEU B 244 14.48 4.93 -16.47
C LEU B 244 13.94 3.66 -17.13
N GLY B 245 12.62 3.57 -17.26
CA GLY B 245 11.95 2.45 -17.89
C GLY B 245 11.78 1.18 -17.07
N ASN B 246 12.21 1.17 -15.78
CA ASN B 246 12.05 -0.01 -14.91
C ASN B 246 10.64 -0.04 -14.32
N TRP B 247 9.85 -1.06 -14.68
CA TRP B 247 8.46 -1.25 -14.25
C TRP B 247 8.27 -2.18 -13.02
N SER B 248 9.39 -2.57 -12.36
CA SER B 248 9.37 -3.47 -11.20
C SER B 248 9.05 -2.77 -9.88
N GLU B 249 7.80 -2.99 -9.37
CA GLU B 249 7.24 -2.46 -8.10
C GLU B 249 7.51 -3.48 -7.01
N LEU B 250 8.80 -3.66 -6.72
CA LEU B 250 9.34 -4.60 -5.74
C LEU B 250 10.70 -4.06 -5.34
N ASN B 251 10.93 -3.99 -4.03
CA ASN B 251 12.14 -3.50 -3.42
C ASN B 251 13.31 -4.45 -3.71
N ASN B 252 14.39 -3.89 -4.30
CA ASN B 252 15.60 -4.60 -4.71
C ASN B 252 16.63 -4.71 -3.60
N ILE B 253 17.41 -5.79 -3.62
CA ILE B 253 18.48 -6.07 -2.65
C ILE B 253 19.68 -5.12 -2.83
N GLN B 254 20.10 -4.87 -4.10
CA GLN B 254 21.21 -3.98 -4.44
C GLN B 254 20.89 -2.50 -4.23
N ASP B 255 19.66 -2.07 -4.63
CA ASP B 255 19.15 -0.70 -4.48
C ASP B 255 19.05 -0.31 -3.00
N HIS B 256 18.63 -1.25 -2.13
CA HIS B 256 18.56 -1.08 -0.67
C HIS B 256 19.97 -0.80 -0.08
N ASN B 257 20.99 -1.60 -0.53
CA ASN B 257 22.38 -1.45 -0.11
C ASN B 257 22.93 -0.10 -0.55
N THR B 258 22.60 0.31 -1.80
CA THR B 258 23.02 1.56 -2.42
C THR B 258 22.61 2.76 -1.55
N ILE B 259 21.32 2.78 -1.12
CA ILE B 259 20.73 3.82 -0.28
C ILE B 259 21.45 3.85 1.07
N TRP B 260 21.60 2.67 1.70
CA TRP B 260 22.27 2.56 3.01
C TRP B 260 23.72 3.02 3.01
N GLU B 261 24.60 2.37 2.21
CA GLU B 261 26.05 2.69 2.10
C GLU B 261 26.32 4.13 1.59
N GLY B 262 25.35 4.69 0.88
CA GLY B 262 25.40 6.06 0.36
C GLY B 262 25.03 7.08 1.41
N CYS B 263 23.88 6.88 2.09
CA CYS B 263 23.37 7.77 3.14
C CYS B 263 24.19 7.67 4.43
N CYS B 264 25.02 6.61 4.58
CA CYS B 264 25.90 6.40 5.71
C CYS B 264 27.20 7.15 5.57
N ARG B 265 27.71 7.33 4.32
CA ARG B 265 28.94 8.10 4.04
C ARG B 265 28.63 9.57 4.40
N LEU B 266 27.46 10.05 3.93
CA LEU B 266 26.91 11.38 4.16
C LEU B 266 26.73 11.70 5.63
N GLU B 267 26.18 10.74 6.39
CA GLU B 267 25.90 10.88 7.81
C GLU B 267 26.22 9.55 8.54
N PRO B 268 27.39 9.43 9.21
CA PRO B 268 27.73 8.15 9.88
C PRO B 268 26.79 7.74 11.02
N THR B 269 26.10 8.71 11.64
CA THR B 269 25.16 8.48 12.73
C THR B 269 23.92 7.69 12.31
N LEU B 270 23.64 7.66 10.99
CA LEU B 270 22.51 6.96 10.38
C LEU B 270 22.66 5.43 10.48
N LYS B 271 23.87 4.93 10.77
CA LYS B 271 24.17 3.49 10.94
C LYS B 271 23.38 2.87 12.10
N ASN B 272 23.01 3.69 13.10
CA ASN B 272 22.27 3.23 14.28
C ASN B 272 20.76 3.45 14.22
N ALA B 273 20.25 4.05 13.12
CA ALA B 273 18.83 4.29 12.93
C ALA B 273 18.14 2.99 12.54
N ARG B 274 16.95 2.73 13.09
CA ARG B 274 16.20 1.52 12.77
C ARG B 274 15.30 1.64 11.54
N ILE B 275 15.52 0.75 10.54
CA ILE B 275 14.75 0.67 9.28
C ILE B 275 13.32 0.21 9.62
N ILE B 276 12.31 1.04 9.24
CA ILE B 276 10.91 0.77 9.54
C ILE B 276 9.99 0.54 8.32
N GLY B 277 10.32 1.19 7.20
CA GLY B 277 9.56 1.08 5.96
C GLY B 277 10.40 1.16 4.72
N GLU B 278 10.06 0.36 3.70
CA GLU B 278 10.76 0.32 2.42
C GLU B 278 9.72 0.32 1.31
N ARG B 279 9.86 1.25 0.35
CA ARG B 279 8.89 1.37 -0.74
C ARG B 279 9.52 1.69 -2.08
N THR B 280 8.85 1.23 -3.16
CA THR B 280 9.20 1.49 -4.56
C THR B 280 8.02 2.29 -5.18
N GLY B 281 8.37 3.32 -5.96
CA GLY B 281 7.44 4.17 -6.67
C GLY B 281 7.91 4.50 -8.07
N PHE B 282 6.99 4.87 -8.96
CA PHE B 282 7.33 5.23 -10.33
C PHE B 282 7.04 6.67 -10.59
N ARG B 283 8.11 7.48 -10.68
CA ARG B 283 8.04 8.91 -11.00
C ARG B 283 7.48 9.03 -12.43
N PRO B 284 6.40 9.80 -12.68
CA PRO B 284 5.89 9.89 -14.06
C PRO B 284 6.81 10.77 -14.92
N VAL B 285 7.87 10.17 -15.52
CA VAL B 285 8.92 10.86 -16.30
C VAL B 285 8.47 11.34 -17.69
N ARG B 286 8.71 12.64 -17.98
CA ARG B 286 8.43 13.31 -19.27
C ARG B 286 9.32 14.56 -19.48
N PRO B 287 9.68 14.95 -20.74
CA PRO B 287 10.50 16.17 -20.94
C PRO B 287 9.78 17.45 -20.51
N GLN B 288 8.43 17.40 -20.54
CA GLN B 288 7.47 18.43 -20.16
C GLN B 288 6.14 17.76 -19.79
N ILE B 289 5.44 18.29 -18.76
CA ILE B 289 4.14 17.81 -18.27
C ILE B 289 3.10 17.76 -19.41
N ARG B 290 2.27 16.71 -19.45
CA ARG B 290 1.24 16.59 -20.47
C ARG B 290 -0.11 17.13 -20.01
N LEU B 291 -0.15 18.45 -19.85
CA LEU B 291 -1.31 19.25 -19.44
C LEU B 291 -1.83 19.98 -20.68
N GLU B 292 -3.04 19.59 -21.19
CA GLU B 292 -3.69 20.19 -22.37
C GLU B 292 -5.15 19.73 -22.59
N ARG B 293 -5.92 20.56 -23.33
CA ARG B 293 -7.31 20.27 -23.70
C ARG B 293 -7.36 19.38 -24.92
N GLU B 294 -8.35 18.50 -24.96
CA GLU B 294 -8.60 17.59 -26.08
C GLU B 294 -10.11 17.43 -26.30
N GLN B 295 -10.49 17.22 -27.56
CA GLN B 295 -11.89 17.08 -27.95
C GLN B 295 -12.08 15.91 -28.91
N LEU B 296 -11.87 14.68 -28.39
CA LEU B 296 -12.05 13.46 -29.17
C LEU B 296 -13.53 13.24 -29.47
N ARG B 297 -13.85 13.19 -30.76
CA ARG B 297 -15.22 13.03 -31.24
C ARG B 297 -15.80 11.62 -31.06
N THR B 298 -17.14 11.52 -30.93
CA THR B 298 -17.87 10.25 -30.72
C THR B 298 -19.22 10.13 -31.48
N GLY B 299 -19.55 11.16 -32.25
CA GLY B 299 -20.77 11.21 -33.07
C GLY B 299 -21.72 12.36 -32.75
N PRO B 300 -22.58 12.22 -31.71
CA PRO B 300 -23.52 13.31 -31.38
C PRO B 300 -22.93 14.37 -30.45
N SER B 301 -22.91 14.11 -29.13
CA SER B 301 -22.36 14.98 -28.11
C SER B 301 -20.85 14.78 -28.05
N ASN B 302 -20.08 15.85 -28.24
CA ASN B 302 -18.62 15.84 -28.19
C ASN B 302 -18.17 16.12 -26.76
N THR B 303 -17.21 15.33 -26.24
CA THR B 303 -16.72 15.50 -24.87
C THR B 303 -15.36 16.17 -24.73
N GLU B 304 -15.24 16.98 -23.67
CA GLU B 304 -14.04 17.73 -23.28
C GLU B 304 -13.17 16.91 -22.34
N VAL B 305 -11.86 16.85 -22.63
CA VAL B 305 -10.86 16.12 -21.86
C VAL B 305 -9.69 17.02 -21.48
N ILE B 306 -9.41 17.14 -20.17
CA ILE B 306 -8.26 17.89 -19.72
C ILE B 306 -7.28 16.87 -19.21
N HIS B 307 -6.13 16.74 -19.89
CA HIS B 307 -5.06 15.84 -19.47
C HIS B 307 -4.19 16.56 -18.48
N ASN B 308 -3.54 15.84 -17.54
CA ASN B 308 -2.66 16.42 -16.51
C ASN B 308 -1.76 15.30 -15.95
N TYR B 309 -0.63 14.99 -16.62
CA TYR B 309 0.28 13.91 -16.20
C TYR B 309 1.72 14.14 -16.66
N GLY B 310 2.66 13.38 -16.08
CA GLY B 310 4.07 13.44 -16.43
C GLY B 310 4.82 14.48 -15.63
N HIS B 311 4.53 14.52 -14.30
CA HIS B 311 5.08 15.46 -13.33
C HIS B 311 6.45 15.10 -12.72
N GLY B 312 7.03 13.98 -13.19
CA GLY B 312 8.34 13.49 -12.79
C GLY B 312 8.55 13.27 -11.30
N GLY B 313 9.66 13.79 -10.80
CA GLY B 313 10.05 13.72 -9.39
C GLY B 313 9.76 15.00 -8.64
N TYR B 314 8.85 15.83 -9.16
CA TYR B 314 8.51 17.13 -8.57
C TYR B 314 7.00 17.41 -8.60
N GLY B 315 6.18 16.37 -8.75
CA GLY B 315 4.72 16.47 -8.76
C GLY B 315 4.17 17.19 -7.55
N LEU B 316 4.67 16.86 -6.35
CA LEU B 316 4.26 17.55 -5.11
C LEU B 316 4.73 19.02 -5.15
N THR B 317 5.88 19.29 -5.81
CA THR B 317 6.46 20.64 -5.92
C THR B 317 5.67 21.53 -6.87
N ILE B 318 4.94 20.92 -7.84
CA ILE B 318 4.21 21.59 -8.91
C ILE B 318 2.66 21.48 -8.88
N HIS B 319 2.09 20.42 -8.24
CA HIS B 319 0.64 20.13 -8.16
C HIS B 319 -0.30 21.35 -8.19
N TRP B 320 -0.09 22.37 -7.33
CA TRP B 320 -0.95 23.55 -7.30
C TRP B 320 -1.00 24.44 -8.56
N GLY B 321 0.17 24.78 -9.09
CA GLY B 321 0.25 25.56 -10.32
C GLY B 321 -0.37 24.82 -11.48
N CYS B 322 -0.22 23.47 -11.50
CA CYS B 322 -0.79 22.55 -12.49
C CYS B 322 -2.29 22.45 -12.36
N ALA B 323 -2.79 22.36 -11.12
CA ALA B 323 -4.21 22.24 -10.80
C ALA B 323 -4.93 23.52 -11.16
N LEU B 324 -4.32 24.69 -10.85
CA LEU B 324 -4.83 26.02 -11.20
C LEU B 324 -4.79 26.18 -12.70
N GLU B 325 -3.84 25.51 -13.40
CA GLU B 325 -3.79 25.54 -14.87
C GLU B 325 -4.89 24.66 -15.45
N ALA B 326 -5.08 23.41 -14.90
CA ALA B 326 -6.16 22.52 -15.33
C ALA B 326 -7.51 23.23 -15.13
N ALA B 327 -7.68 23.94 -14.00
CA ALA B 327 -8.86 24.72 -13.64
C ALA B 327 -9.09 25.90 -14.58
N LYS B 328 -8.02 26.53 -15.12
CA LYS B 328 -8.13 27.63 -16.10
C LYS B 328 -8.69 27.08 -17.39
N LEU B 329 -8.21 25.88 -17.80
CA LEU B 329 -8.66 25.14 -18.99
C LEU B 329 -10.14 24.76 -18.89
N PHE B 330 -10.61 24.42 -17.66
CA PHE B 330 -12.01 24.11 -17.34
C PHE B 330 -12.86 25.38 -17.50
N GLY B 331 -12.29 26.53 -17.15
CA GLY B 331 -12.93 27.85 -17.26
C GLY B 331 -13.19 28.28 -18.70
N ARG B 332 -12.32 27.86 -19.64
CA ARG B 332 -12.46 28.16 -21.06
C ARG B 332 -13.55 27.28 -21.64
N ILE B 333 -13.76 26.06 -21.07
CA ILE B 333 -14.84 25.15 -21.47
C ILE B 333 -16.16 25.77 -20.99
N LEU B 334 -16.18 26.23 -19.71
CA LEU B 334 -17.27 26.95 -19.04
C LEU B 334 -17.68 28.19 -19.90
N GLU B 335 -16.66 28.87 -20.47
CA GLU B 335 -16.79 30.04 -21.35
C GLU B 335 -17.37 29.65 -22.73
N GLU B 336 -16.75 28.66 -23.42
CA GLU B 336 -17.13 28.20 -24.76
C GLU B 336 -18.54 27.66 -24.95
N LYS B 337 -19.09 26.96 -23.95
CA LYS B 337 -20.44 26.41 -24.00
C LYS B 337 -21.49 27.52 -23.73
N LYS B 338 -22.67 27.43 -24.39
CA LYS B 338 -23.77 28.40 -24.24
C LYS B 338 -25.13 27.70 -24.04
N LEU B 339 -25.27 26.96 -22.91
CA LEU B 339 -26.46 26.20 -22.53
C LEU B 339 -27.73 27.02 -22.23
N SER B 340 -28.37 27.57 -23.29
CA SER B 340 -29.59 28.38 -23.22
C SER B 340 -30.58 28.01 -24.32
#